data_4Q88
#
_entry.id   4Q88
#
_cell.length_a   55.415
_cell.length_b   73.502
_cell.length_c   73.183
_cell.angle_alpha   65.300
_cell.angle_beta   83.660
_cell.angle_gamma   90.940
#
_symmetry.space_group_name_H-M   'P 1'
#
loop_
_entity.id
_entity.type
_entity.pdbx_description
1 polymer 'Uncharacterized protein'
2 non-polymer 1,2-ETHANEDIOL
3 non-polymer 'SULFATE ION'
4 water water
#
_entity_poly.entity_id   1
_entity_poly.type   'polypeptide(L)'
_entity_poly.pdbx_seq_one_letter_code
;SNASNKKENTETSEELLEIIHRVNQRYQS(MSE)HKPQVRSFWDNAVYHTGN(MSE)EVCALTGNKDYLQYSIDWADYNQ
WKGATSNNKAEWRSTYGESPEYVLFGDWQVCFQTYADLYKLDPDTIKIARAREV(MSE)EYQ(MSE)STSKLDYWHWVDA
LY(MSE)V(MSE)PV(MSE)VK(MSE)YDITKNPLYLEKLHQYLTVTDSI(MSE)YDREVGLYYRDAKYPYPFHKTINGK
KDFWSRGDGWAFAAFAKVLKQLPAEDKYREEYITRFQT(MSE)AKSIAACQQPEGYWTRSLIDPEQAPGPETSGTALFTY
GFLWGINNGLLNADIYSPIVEKAWNYLKTTALQADGKIGYIQPVGEKAIPGQVVDANSCFNFGIGAFLLAACERVRFLQ
;
_entity_poly.pdbx_strand_id   A,B
#
# COMPACT_ATOMS: atom_id res chain seq x y z
N THR A 10 34.26 1.08 -10.69
CA THR A 10 35.13 -0.12 -11.02
C THR A 10 34.77 -0.79 -12.38
N GLU A 11 33.51 -1.17 -12.54
CA GLU A 11 33.01 -1.68 -13.81
C GLU A 11 32.99 -0.52 -14.83
N THR A 12 33.38 -0.78 -16.08
CA THR A 12 33.44 0.28 -17.12
C THR A 12 32.34 0.14 -18.19
N SER A 13 32.03 1.21 -18.91
CA SER A 13 31.06 1.11 -20.01
C SER A 13 31.60 0.16 -21.09
N GLU A 14 32.93 0.18 -21.31
CA GLU A 14 33.55 -0.71 -22.29
C GLU A 14 33.23 -2.19 -21.97
N GLU A 15 33.40 -2.54 -20.72
CA GLU A 15 33.14 -3.92 -20.30
C GLU A 15 31.65 -4.25 -20.45
N LEU A 16 30.78 -3.31 -20.14
CA LEU A 16 29.32 -3.58 -20.28
C LEU A 16 28.93 -3.72 -21.74
N LEU A 17 29.54 -2.89 -22.62
CA LEU A 17 29.22 -2.99 -24.02
C LEU A 17 29.68 -4.32 -24.60
N GLU A 18 30.84 -4.82 -24.15
CA GLU A 18 31.27 -6.15 -24.58
C GLU A 18 30.21 -7.22 -24.26
N ILE A 19 29.65 -7.15 -23.06
CA ILE A 19 28.58 -8.06 -22.62
C ILE A 19 27.35 -7.92 -23.52
N ILE A 20 26.92 -6.67 -23.73
CA ILE A 20 25.75 -6.40 -24.55
C ILE A 20 25.94 -6.98 -25.94
N HIS A 21 27.08 -6.70 -26.55
CA HIS A 21 27.29 -7.20 -27.88
C HIS A 21 27.46 -8.73 -27.92
N ARG A 22 28.12 -9.33 -26.92
CA ARG A 22 28.26 -10.80 -26.82
C ARG A 22 26.90 -11.47 -26.83
N VAL A 23 26.02 -10.99 -25.94
CA VAL A 23 24.65 -11.54 -25.82
C VAL A 23 23.82 -11.34 -27.06
N ASN A 24 23.87 -10.13 -27.61
CA ASN A 24 23.00 -9.82 -28.74
C ASN A 24 23.50 -10.50 -30.01
N GLN A 25 24.82 -10.55 -30.20
CA GLN A 25 25.35 -11.21 -31.40
C GLN A 25 25.12 -12.69 -31.38
N ARG A 26 25.26 -13.31 -30.22
CA ARG A 26 24.97 -14.74 -30.10
C ARG A 26 23.55 -15.01 -30.50
N TYR A 27 22.60 -14.22 -29.97
CA TYR A 27 21.20 -14.47 -30.27
C TYR A 27 20.89 -14.29 -31.78
N GLN A 28 21.36 -13.18 -32.37
CA GLN A 28 21.06 -12.90 -33.77
C GLN A 28 21.79 -13.85 -34.73
N SER A 29 22.96 -14.35 -34.34
CA SER A 29 23.69 -15.28 -35.20
CA SER A 29 23.68 -15.27 -35.21
C SER A 29 23.00 -16.63 -35.20
N HIS A 31 19.61 -17.21 -34.42
CA HIS A 31 18.20 -17.20 -34.74
C HIS A 31 17.88 -16.23 -35.88
N LYS A 32 17.24 -16.73 -36.92
CA LYS A 32 16.81 -15.88 -38.02
C LYS A 32 15.71 -14.96 -37.56
N PRO A 33 15.65 -13.76 -38.13
CA PRO A 33 14.61 -12.83 -37.70
C PRO A 33 13.22 -13.14 -38.20
N GLN A 34 13.11 -14.04 -39.19
CA GLN A 34 11.84 -14.40 -39.80
C GLN A 34 11.09 -15.44 -38.96
N VAL A 35 10.56 -14.95 -37.84
CA VAL A 35 9.71 -15.68 -36.94
C VAL A 35 8.50 -14.78 -36.56
N ARG A 36 7.49 -15.42 -36.01
CA ARG A 36 6.22 -14.76 -35.80
C ARG A 36 6.32 -13.56 -34.80
N SER A 37 5.33 -12.67 -34.86
CA SER A 37 5.36 -11.42 -34.10
C SER A 37 4.73 -11.59 -32.71
N PHE A 38 4.59 -12.83 -32.22
CA PHE A 38 4.00 -13.12 -30.92
C PHE A 38 4.86 -12.63 -29.77
N TRP A 39 4.31 -12.60 -28.56
CA TRP A 39 4.94 -11.83 -27.46
C TRP A 39 6.41 -12.17 -27.14
N ASP A 40 6.76 -13.44 -27.19
CA ASP A 40 8.09 -13.83 -26.75
C ASP A 40 9.17 -13.28 -27.68
N ASN A 41 8.97 -13.40 -29.00
CA ASN A 41 9.84 -12.72 -29.93
C ASN A 41 9.74 -11.21 -29.83
N ALA A 42 8.53 -10.70 -29.66
CA ALA A 42 8.34 -9.28 -29.61
C ALA A 42 9.02 -8.65 -28.39
N VAL A 43 9.06 -9.35 -27.26
CA VAL A 43 9.78 -8.82 -26.07
C VAL A 43 11.30 -8.78 -26.38
N TYR A 44 11.81 -9.80 -27.04
CA TYR A 44 13.22 -9.80 -27.45
C TYR A 44 13.45 -8.49 -28.28
N HIS A 45 12.55 -8.22 -29.24
CA HIS A 45 12.71 -6.98 -30.04
C HIS A 45 12.67 -5.72 -29.22
N THR A 46 11.87 -5.62 -28.17
CA THR A 46 12.00 -4.46 -27.25
C THR A 46 13.42 -4.31 -26.67
N GLY A 47 14.06 -5.42 -26.32
CA GLY A 47 15.44 -5.38 -25.90
C GLY A 47 16.39 -4.94 -26.98
N ASN A 48 16.20 -5.50 -28.18
CA ASN A 48 17.04 -5.10 -29.32
C ASN A 48 16.90 -3.62 -29.63
N GLU A 50 16.19 -1.29 -27.54
CA GLU A 50 16.96 -0.63 -26.46
C GLU A 50 18.47 -0.61 -26.78
N VAL A 51 19.00 -1.73 -27.24
CA VAL A 51 20.42 -1.79 -27.70
C VAL A 51 20.69 -0.82 -28.85
N CYS A 52 19.76 -0.75 -29.78
CA CYS A 52 19.90 0.21 -30.89
C CYS A 52 19.91 1.64 -30.41
N ALA A 53 19.06 1.96 -29.45
CA ALA A 53 19.11 3.30 -28.86
C ALA A 53 20.44 3.62 -28.21
N LEU A 54 21.03 2.64 -27.54
CA LEU A 54 22.26 2.85 -26.78
C LEU A 54 23.45 2.89 -27.71
N THR A 55 23.38 2.17 -28.82
CA THR A 55 24.58 1.91 -29.62
C THR A 55 24.54 2.42 -31.06
N GLY A 56 23.36 2.64 -31.59
CA GLY A 56 23.20 3.00 -32.98
C GLY A 56 23.59 1.95 -34.00
N ASN A 57 23.65 0.69 -33.58
CA ASN A 57 24.17 -0.36 -34.41
C ASN A 57 23.20 -0.65 -35.56
N LYS A 58 23.64 -0.43 -36.82
CA LYS A 58 22.72 -0.62 -37.95
C LYS A 58 22.38 -2.07 -38.29
N ASP A 59 23.26 -3.02 -37.96
CA ASP A 59 22.93 -4.44 -38.16
C ASP A 59 21.83 -4.90 -37.19
N TYR A 60 21.90 -4.44 -35.95
CA TYR A 60 20.89 -4.79 -34.96
C TYR A 60 19.56 -4.19 -35.40
N LEU A 61 19.59 -2.97 -35.92
CA LEU A 61 18.37 -2.34 -36.41
C LEU A 61 17.73 -3.16 -37.54
N GLN A 62 18.59 -3.61 -38.45
CA GLN A 62 18.10 -4.34 -39.60
C GLN A 62 17.52 -5.68 -39.16
N TYR A 63 17.99 -6.23 -38.05
CA TYR A 63 17.38 -7.48 -37.54
C TYR A 63 15.90 -7.26 -37.17
N SER A 64 15.61 -6.16 -36.48
CA SER A 64 14.22 -5.81 -36.14
C SER A 64 13.40 -5.44 -37.40
N ILE A 65 14.00 -4.73 -38.34
CA ILE A 65 13.28 -4.36 -39.56
C ILE A 65 12.93 -5.64 -40.32
N ASP A 66 13.85 -6.58 -40.39
CA ASP A 66 13.63 -7.82 -41.16
C ASP A 66 12.52 -8.62 -40.49
N TRP A 67 12.47 -8.59 -39.15
CA TRP A 67 11.35 -9.26 -38.45
C TRP A 67 10.03 -8.57 -38.69
N ALA A 68 10.00 -7.22 -38.64
CA ALA A 68 8.77 -6.51 -38.89
C ALA A 68 8.27 -6.72 -40.33
N ASP A 69 9.18 -6.65 -41.28
CA ASP A 69 8.87 -6.89 -42.71
C ASP A 69 8.24 -8.30 -42.91
N TYR A 70 8.88 -9.33 -42.34
CA TYR A 70 8.41 -10.70 -42.40
C TYR A 70 6.97 -10.84 -41.86
N ASN A 71 6.67 -10.11 -40.78
CA ASN A 71 5.31 -10.12 -40.19
C ASN A 71 4.35 -9.09 -40.79
N GLN A 72 4.80 -8.44 -41.86
CA GLN A 72 4.00 -7.44 -42.57
C GLN A 72 3.52 -6.33 -41.67
N TRP A 73 4.32 -6.02 -40.65
CA TRP A 73 3.97 -4.97 -39.72
C TRP A 73 2.61 -5.19 -39.06
N LYS A 74 2.32 -6.47 -38.77
CA LYS A 74 1.09 -6.83 -38.09
C LYS A 74 1.39 -7.74 -36.91
N GLY A 75 0.43 -7.83 -36.02
CA GLY A 75 0.37 -8.89 -35.05
C GLY A 75 -0.45 -10.05 -35.57
N ALA A 76 -1.48 -10.45 -34.83
CA ALA A 76 -2.40 -11.52 -35.36
C ALA A 76 -3.13 -10.96 -36.57
N THR A 77 -3.38 -11.78 -37.60
CA THR A 77 -3.71 -11.26 -38.92
C THR A 77 -5.20 -11.19 -39.35
N SER A 78 -6.17 -11.64 -38.53
CA SER A 78 -7.57 -11.65 -38.93
C SER A 78 -8.07 -10.27 -39.36
N ASN A 79 -8.75 -10.18 -40.52
CA ASN A 79 -9.37 -8.90 -40.87
C ASN A 79 -10.85 -8.89 -40.62
N ASN A 80 -11.33 -9.85 -39.86
CA ASN A 80 -12.72 -9.90 -39.52
C ASN A 80 -12.95 -9.51 -38.05
N LYS A 81 -13.29 -8.24 -37.82
CA LYS A 81 -13.38 -7.71 -36.46
C LYS A 81 -14.48 -8.36 -35.65
N ALA A 82 -15.50 -8.89 -36.31
CA ALA A 82 -16.52 -9.64 -35.61
C ALA A 82 -15.95 -10.87 -34.90
N GLU A 83 -14.83 -11.43 -35.36
CA GLU A 83 -14.26 -12.61 -34.69
C GLU A 83 -13.10 -12.32 -33.73
N TRP A 84 -12.70 -11.06 -33.62
CA TRP A 84 -11.51 -10.72 -32.82
C TRP A 84 -11.71 -11.07 -31.34
N ARG A 85 -10.70 -11.73 -30.79
CA ARG A 85 -10.72 -12.17 -29.40
C ARG A 85 -9.62 -11.51 -28.60
N SER A 86 -9.84 -11.45 -27.29
CA SER A 86 -8.92 -10.83 -26.35
C SER A 86 -8.44 -11.72 -25.20
N THR A 87 -8.75 -13.01 -25.24
CA THR A 87 -8.20 -13.97 -24.29
C THR A 87 -7.02 -14.69 -24.94
N TYR A 88 -6.39 -15.65 -24.23
CA TYR A 88 -5.19 -16.32 -24.79
C TYR A 88 -5.48 -17.12 -26.05
N GLY A 89 -4.71 -16.87 -27.10
CA GLY A 89 -4.73 -17.75 -28.29
C GLY A 89 -3.63 -17.39 -29.24
N GLU A 90 -3.33 -18.31 -30.16
CA GLU A 90 -2.17 -18.13 -31.05
C GLU A 90 -2.55 -18.12 -32.55
N SER A 91 -3.85 -18.27 -32.81
CA SER A 91 -4.35 -18.31 -34.19
C SER A 91 -4.72 -16.88 -34.58
N PRO A 92 -5.02 -16.64 -35.86
CA PRO A 92 -5.11 -15.23 -36.32
C PRO A 92 -6.28 -14.39 -35.76
N GLU A 93 -7.25 -14.97 -35.05
CA GLU A 93 -8.38 -14.15 -34.55
C GLU A 93 -8.08 -13.43 -33.21
N TYR A 94 -6.94 -13.75 -32.61
CA TYR A 94 -6.59 -13.23 -31.27
C TYR A 94 -5.96 -11.83 -31.33
N VAL A 95 -6.57 -10.97 -32.15
CA VAL A 95 -6.05 -9.65 -32.49
C VAL A 95 -6.05 -8.69 -31.28
N LEU A 96 -7.04 -8.82 -30.41
CA LEU A 96 -7.17 -7.97 -29.24
C LEU A 96 -6.55 -8.54 -27.98
N PHE A 97 -5.77 -9.62 -28.10
CA PHE A 97 -5.03 -10.19 -26.97
C PHE A 97 -3.65 -9.53 -26.98
N GLY A 98 -3.27 -8.92 -25.88
CA GLY A 98 -2.08 -8.07 -25.80
C GLY A 98 -0.77 -8.75 -26.17
N ASP A 99 -0.69 -10.08 -26.06
CA ASP A 99 0.53 -10.76 -26.50
C ASP A 99 0.71 -10.64 -28.04
N TRP A 100 -0.36 -10.25 -28.77
CA TRP A 100 -0.29 -10.01 -30.22
C TRP A 100 -0.18 -8.53 -30.52
N GLN A 101 0.02 -7.74 -29.48
CA GLN A 101 0.12 -6.27 -29.60
C GLN A 101 1.44 -5.67 -29.17
N VAL A 102 2.25 -6.42 -28.42
CA VAL A 102 3.59 -5.93 -28.01
C VAL A 102 4.52 -5.70 -29.22
N CYS A 103 4.31 -6.45 -30.32
CA CYS A 103 5.02 -6.17 -31.55
C CYS A 103 4.86 -4.69 -31.97
N PHE A 104 3.71 -4.11 -31.68
CA PHE A 104 3.45 -2.69 -32.06
C PHE A 104 4.43 -1.69 -31.41
N GLN A 105 5.04 -2.07 -30.29
CA GLN A 105 6.04 -1.21 -29.67
C GLN A 105 7.22 -1.03 -30.63
N THR A 106 7.66 -2.12 -31.19
CA THR A 106 8.82 -2.10 -32.09
C THR A 106 8.43 -1.46 -33.46
N TYR A 107 7.20 -1.71 -33.91
CA TYR A 107 6.75 -1.10 -35.18
C TYR A 107 6.71 0.43 -35.01
N ALA A 108 6.20 0.92 -33.87
CA ALA A 108 6.24 2.37 -33.60
C ALA A 108 7.66 2.93 -33.52
N ASP A 109 8.54 2.22 -32.81
CA ASP A 109 9.95 2.64 -32.71
C ASP A 109 10.59 2.73 -34.09
N LEU A 110 10.30 1.75 -34.93
CA LEU A 110 10.85 1.75 -36.30
C LEU A 110 10.24 2.85 -37.21
N TYR A 111 8.95 3.09 -37.05
CA TYR A 111 8.30 4.23 -37.70
C TYR A 111 8.95 5.57 -37.33
N LYS A 112 9.21 5.79 -36.04
CA LYS A 112 9.86 7.06 -35.67
C LYS A 112 11.18 7.29 -36.39
N LEU A 113 11.93 6.23 -36.62
CA LEU A 113 13.21 6.33 -37.34
C LEU A 113 13.05 6.64 -38.82
N ASP A 114 11.98 6.12 -39.44
CA ASP A 114 11.81 6.20 -40.90
C ASP A 114 10.32 6.11 -41.17
N PRO A 115 9.61 7.25 -41.04
CA PRO A 115 8.15 7.23 -41.10
C PRO A 115 7.63 6.74 -42.41
N ASP A 116 6.66 5.86 -42.32
CA ASP A 116 6.01 5.26 -43.46
C ASP A 116 4.69 4.72 -42.90
N THR A 117 3.57 5.23 -43.43
CA THR A 117 2.25 4.92 -42.84
C THR A 117 1.99 3.42 -42.70
N ILE A 118 2.55 2.60 -43.59
CA ILE A 118 2.36 1.13 -43.53
CA ILE A 118 2.37 1.14 -43.55
C ILE A 118 2.87 0.51 -42.23
N LYS A 119 3.92 1.08 -41.65
CA LYS A 119 4.53 0.52 -40.43
C LYS A 119 3.59 0.57 -39.22
N ILE A 120 2.73 1.57 -39.16
CA ILE A 120 1.81 1.66 -38.04
C ILE A 120 0.34 1.51 -38.44
N ALA A 121 0.05 1.15 -39.70
CA ALA A 121 -1.34 1.05 -40.13
C ALA A 121 -2.11 0.06 -39.28
N ARG A 122 -1.55 -1.14 -39.12
CA ARG A 122 -2.24 -2.19 -38.38
C ARG A 122 -2.32 -1.85 -36.88
N ALA A 123 -1.23 -1.35 -36.32
CA ALA A 123 -1.27 -0.89 -34.91
C ALA A 123 -2.38 0.10 -34.66
N ARG A 124 -2.51 1.12 -35.52
CA ARG A 124 -3.59 2.11 -35.38
C ARG A 124 -4.94 1.45 -35.57
N GLU A 125 -5.09 0.59 -36.57
CA GLU A 125 -6.37 -0.06 -36.81
C GLU A 125 -6.82 -0.83 -35.58
N VAL A 126 -5.90 -1.65 -35.05
CA VAL A 126 -6.25 -2.52 -33.93
C VAL A 126 -6.47 -1.71 -32.65
N GLU A 128 -7.03 1.55 -32.12
CA GLU A 128 -8.16 2.47 -32.27
C GLU A 128 -9.49 1.77 -32.26
N TYR A 129 -9.59 0.58 -32.85
CA TYR A 129 -10.82 -0.20 -32.74
C TYR A 129 -11.04 -0.61 -31.27
N GLN A 130 -10.00 -1.19 -30.68
CA GLN A 130 -10.08 -1.59 -29.26
C GLN A 130 -10.60 -0.49 -28.36
N SER A 132 -12.37 1.96 -29.17
CA SER A 132 -13.73 2.30 -29.52
C SER A 132 -14.75 1.39 -28.85
N THR A 133 -14.32 0.22 -28.38
CA THR A 133 -15.25 -0.75 -27.77
C THR A 133 -15.53 -0.30 -26.35
N SER A 134 -16.63 -0.75 -25.78
CA SER A 134 -16.99 -0.35 -24.43
C SER A 134 -16.27 -1.23 -23.37
N LYS A 135 -15.80 -2.40 -23.79
CA LYS A 135 -15.04 -3.31 -22.91
C LYS A 135 -13.78 -2.65 -22.32
N LEU A 136 -13.57 -2.89 -21.02
CA LEU A 136 -12.47 -2.29 -20.32
C LEU A 136 -11.44 -3.27 -19.76
N ASP A 137 -11.79 -4.57 -19.68
CA ASP A 137 -10.97 -5.52 -18.98
C ASP A 137 -10.05 -6.28 -19.94
N TYR A 138 -9.43 -5.57 -20.86
CA TYR A 138 -8.49 -6.16 -21.79
C TYR A 138 -7.19 -6.65 -21.15
N TRP A 139 -6.79 -6.05 -20.03
CA TRP A 139 -5.46 -6.32 -19.42
C TRP A 139 -5.78 -7.11 -18.14
N HIS A 140 -6.25 -8.33 -18.35
CA HIS A 140 -6.77 -9.20 -17.28
C HIS A 140 -5.69 -10.16 -16.69
N TRP A 141 -4.44 -9.96 -17.09
CA TRP A 141 -3.28 -10.70 -16.55
C TRP A 141 -2.15 -9.68 -16.43
N VAL A 142 -1.32 -9.78 -15.38
CA VAL A 142 -0.42 -8.66 -15.09
C VAL A 142 0.60 -8.40 -16.20
N ASP A 143 0.99 -9.46 -16.92
CA ASP A 143 2.02 -9.36 -17.96
C ASP A 143 1.58 -8.35 -19.07
N ALA A 144 0.27 -8.18 -19.23
CA ALA A 144 -0.32 -7.29 -20.21
C ALA A 144 0.18 -5.89 -20.05
N LEU A 145 0.49 -5.49 -18.82
CA LEU A 145 1.02 -4.17 -18.65
C LEU A 145 2.29 -3.90 -19.43
N TYR A 146 3.25 -4.80 -19.43
CA TYR A 146 4.40 -4.60 -20.26
C TYR A 146 4.03 -4.74 -21.73
N VAL A 148 1.40 -3.99 -23.38
CA VAL A 148 0.50 -2.97 -23.95
C VAL A 148 0.64 -1.56 -23.40
N PRO A 150 3.25 0.35 -22.89
CA PRO A 150 4.14 1.18 -23.72
C PRO A 150 3.62 1.40 -25.17
N VAL A 151 2.79 0.52 -25.68
CA VAL A 151 2.07 0.78 -26.96
C VAL A 151 1.29 2.10 -26.87
N VAL A 153 1.75 4.84 -25.01
CA VAL A 153 2.54 6.08 -25.05
C VAL A 153 3.26 6.24 -26.38
N LYS A 154 3.69 5.13 -26.98
CA LYS A 154 4.39 5.17 -28.27
C LYS A 154 3.41 5.60 -29.37
N TYR A 156 0.54 7.38 -28.91
CA TYR A 156 0.32 8.81 -28.63
C TYR A 156 1.44 9.66 -29.18
N ASP A 157 2.70 9.26 -28.93
CA ASP A 157 3.82 10.06 -29.43
C ASP A 157 3.72 10.33 -30.94
N ILE A 158 3.30 9.32 -31.66
CA ILE A 158 3.09 9.45 -33.15
C ILE A 158 1.83 10.23 -33.53
N THR A 159 0.68 9.82 -33.00
CA THR A 159 -0.59 10.36 -33.45
C THR A 159 -1.06 11.64 -32.80
N LYS A 160 -0.54 11.89 -31.60
CA LYS A 160 -1.07 12.86 -30.65
C LYS A 160 -2.55 12.71 -30.40
N ASN A 161 -3.08 11.51 -30.53
CA ASN A 161 -4.48 11.25 -30.26
C ASN A 161 -4.64 11.02 -28.74
N PRO A 162 -5.33 11.92 -28.05
CA PRO A 162 -5.37 11.87 -26.57
C PRO A 162 -6.09 10.65 -25.98
N LEU A 163 -6.89 9.95 -26.79
CA LEU A 163 -7.61 8.80 -26.29
C LEU A 163 -6.63 7.69 -25.86
N TYR A 164 -5.47 7.59 -26.52
CA TYR A 164 -4.46 6.60 -26.10
C TYR A 164 -4.11 6.78 -24.62
N LEU A 165 -3.99 8.01 -24.19
CA LEU A 165 -3.54 8.28 -22.83
C LEU A 165 -4.67 8.17 -21.83
N GLU A 166 -5.92 8.44 -22.23
CA GLU A 166 -7.07 8.21 -21.36
CA GLU A 166 -7.07 8.19 -21.35
C GLU A 166 -7.33 6.69 -21.22
N LYS A 167 -7.27 5.95 -22.32
CA LYS A 167 -7.49 4.51 -22.24
C LYS A 167 -6.36 3.77 -21.53
N LEU A 168 -5.13 4.28 -21.65
CA LEU A 168 -4.00 3.75 -20.82
C LEU A 168 -4.45 3.68 -19.34
N HIS A 169 -5.00 4.77 -18.84
CA HIS A 169 -5.45 4.87 -17.47
C HIS A 169 -6.68 4.00 -17.19
N GLN A 170 -7.63 4.00 -18.11
CA GLN A 170 -8.86 3.30 -17.89
CA GLN A 170 -8.89 3.27 -17.91
C GLN A 170 -8.61 1.78 -17.81
N TYR A 171 -7.83 1.24 -18.76
CA TYR A 171 -7.49 -0.18 -18.72
C TYR A 171 -6.65 -0.56 -17.50
N LEU A 172 -5.70 0.28 -17.13
CA LEU A 172 -4.84 -0.01 -15.96
C LEU A 172 -5.67 0.00 -14.70
N THR A 173 -6.68 0.86 -14.64
CA THR A 173 -7.57 0.92 -13.47
C THR A 173 -8.27 -0.40 -13.27
N VAL A 174 -8.69 -1.04 -14.37
CA VAL A 174 -9.33 -2.33 -14.28
C VAL A 174 -8.34 -3.44 -13.85
N THR A 175 -7.14 -3.42 -14.40
CA THR A 175 -6.09 -4.34 -13.97
C THR A 175 -5.89 -4.24 -12.47
N ASP A 176 -5.80 -3.02 -11.97
CA ASP A 176 -5.60 -2.78 -10.53
C ASP A 176 -6.73 -3.39 -9.71
N SER A 177 -7.95 -3.19 -10.19
CA SER A 177 -9.15 -3.68 -9.47
C SER A 177 -9.10 -5.18 -9.30
N ILE A 178 -8.50 -5.90 -10.23
CA ILE A 178 -8.44 -7.35 -10.16
C ILE A 178 -7.21 -7.85 -9.36
N TYR A 180 -4.11 -5.64 -8.08
CA TYR A 180 -3.24 -4.82 -7.28
C TYR A 180 -3.52 -4.95 -5.80
N ASP A 181 -2.52 -5.33 -5.01
CA ASP A 181 -2.72 -5.46 -3.57
C ASP A 181 -2.25 -4.13 -2.95
N ARG A 182 -3.21 -3.33 -2.46
CA ARG A 182 -2.90 -1.96 -1.99
C ARG A 182 -2.05 -1.96 -0.73
N GLU A 183 -2.18 -3.01 0.08
CA GLU A 183 -1.46 -3.09 1.29
C GLU A 183 0.04 -3.38 1.01
N VAL A 184 0.32 -4.23 0.04
CA VAL A 184 1.66 -4.70 -0.22
C VAL A 184 2.39 -3.84 -1.24
N GLY A 185 1.65 -3.32 -2.19
CA GLY A 185 2.26 -2.56 -3.30
C GLY A 185 2.76 -3.43 -4.41
N LEU A 186 2.15 -4.62 -4.57
CA LEU A 186 2.51 -5.54 -5.66
C LEU A 186 1.25 -6.09 -6.29
N TYR A 187 1.41 -6.61 -7.52
CA TYR A 187 0.38 -7.22 -8.30
C TYR A 187 0.41 -8.75 -8.20
N TYR A 188 -0.78 -9.33 -8.02
CA TYR A 188 -1.03 -10.76 -8.27
C TYR A 188 -1.02 -10.96 -9.78
N ARG A 189 -0.63 -12.14 -10.19
CA ARG A 189 -0.47 -12.35 -11.62
CA ARG A 189 -0.47 -12.47 -11.59
C ARG A 189 -1.75 -12.42 -12.45
N ASP A 190 -2.87 -12.83 -11.85
CA ASP A 190 -4.19 -12.78 -12.48
C ASP A 190 -5.21 -13.08 -11.37
N ALA A 191 -6.49 -13.11 -11.74
CA ALA A 191 -7.55 -13.28 -10.73
C ALA A 191 -7.56 -14.58 -9.91
N LYS A 192 -6.80 -15.57 -10.29
CA LYS A 192 -6.74 -16.81 -9.51
C LYS A 192 -5.91 -16.68 -8.26
N TYR A 193 -5.02 -15.66 -8.21
CA TYR A 193 -4.01 -15.58 -7.18
C TYR A 193 -4.23 -14.75 -5.92
N PRO A 194 -5.26 -13.89 -5.85
CA PRO A 194 -5.30 -13.10 -4.60
C PRO A 194 -5.49 -13.89 -3.29
N TYR A 195 -4.94 -13.33 -2.22
CA TYR A 195 -5.02 -13.82 -0.87
C TYR A 195 -6.35 -13.31 -0.27
N PRO A 196 -7.00 -14.05 0.63
CA PRO A 196 -6.61 -15.35 1.21
C PRO A 196 -7.11 -16.57 0.46
N PHE A 197 -7.91 -16.40 -0.58
CA PHE A 197 -8.43 -17.62 -1.26
C PHE A 197 -7.31 -18.49 -1.84
N HIS A 198 -6.26 -17.85 -2.31
CA HIS A 198 -5.02 -18.55 -2.70
C HIS A 198 -3.88 -18.10 -1.79
N LYS A 199 -3.08 -19.06 -1.33
CA LYS A 199 -1.93 -18.78 -0.49
CA LYS A 199 -1.93 -18.78 -0.51
C LYS A 199 -0.78 -19.66 -0.98
N THR A 200 0.43 -19.23 -0.66
CA THR A 200 1.60 -20.07 -0.92
C THR A 200 1.62 -21.28 0.01
N ILE A 201 2.57 -22.17 -0.24
CA ILE A 201 2.72 -23.38 0.57
C ILE A 201 2.95 -23.05 2.04
N ASN A 202 3.62 -21.94 2.31
CA ASN A 202 3.83 -21.47 3.67
C ASN A 202 2.87 -20.40 4.16
N GLY A 203 1.72 -20.33 3.51
CA GLY A 203 0.59 -19.52 3.98
C GLY A 203 0.71 -18.04 3.69
N LYS A 204 1.53 -17.69 2.72
CA LYS A 204 1.86 -16.29 2.39
CA LYS A 204 1.75 -16.27 2.44
C LYS A 204 1.03 -15.79 1.19
N LYS A 205 1.04 -14.47 0.97
CA LYS A 205 0.54 -13.94 -0.29
C LYS A 205 1.46 -14.29 -1.42
N ASP A 206 0.91 -14.75 -2.54
CA ASP A 206 1.66 -15.24 -3.69
C ASP A 206 1.78 -14.21 -4.83
N PHE A 207 2.91 -13.53 -4.90
CA PHE A 207 3.21 -12.53 -5.91
C PHE A 207 4.26 -13.06 -6.87
N TRP A 208 3.87 -13.27 -8.13
CA TRP A 208 4.80 -13.82 -9.09
C TRP A 208 5.84 -12.82 -9.51
N SER A 209 7.11 -13.18 -9.43
CA SER A 209 8.23 -12.27 -9.77
C SER A 209 8.21 -11.77 -11.19
N ARG A 210 8.18 -12.65 -12.20
CA ARG A 210 8.22 -12.12 -13.58
C ARG A 210 6.98 -11.24 -13.81
N GLY A 211 5.84 -11.57 -13.22
CA GLY A 211 4.60 -10.76 -13.34
C GLY A 211 4.83 -9.32 -12.85
N ASP A 212 5.32 -9.18 -11.64
CA ASP A 212 5.65 -7.89 -11.10
C ASP A 212 6.81 -7.22 -11.81
N GLY A 213 7.73 -8.00 -12.33
CA GLY A 213 8.78 -7.44 -13.23
C GLY A 213 8.18 -6.76 -14.45
N TRP A 214 7.26 -7.47 -15.11
CA TRP A 214 6.59 -6.87 -16.27
C TRP A 214 5.96 -5.52 -15.89
N ALA A 215 5.24 -5.49 -14.75
CA ALA A 215 4.55 -4.29 -14.35
C ALA A 215 5.50 -3.14 -14.05
N PHE A 216 6.55 -3.43 -13.28
CA PHE A 216 7.51 -2.41 -12.85
C PHE A 216 8.29 -1.85 -14.07
N ALA A 217 8.78 -2.71 -14.94
CA ALA A 217 9.44 -2.23 -16.20
C ALA A 217 8.45 -1.46 -17.11
N ALA A 218 7.20 -1.92 -17.14
CA ALA A 218 6.16 -1.20 -17.86
C ALA A 218 6.00 0.22 -17.41
N PHE A 219 5.92 0.44 -16.11
CA PHE A 219 5.75 1.81 -15.63
C PHE A 219 6.93 2.66 -15.97
N ALA A 220 8.14 2.09 -15.91
CA ALA A 220 9.31 2.85 -16.39
C ALA A 220 9.19 3.25 -17.86
N LYS A 221 8.78 2.31 -18.70
CA LYS A 221 8.60 2.62 -20.11
C LYS A 221 7.48 3.64 -20.37
N VAL A 222 6.41 3.57 -19.60
CA VAL A 222 5.36 4.56 -19.68
C VAL A 222 5.94 5.94 -19.34
N LEU A 223 6.63 6.05 -18.21
CA LEU A 223 7.16 7.32 -17.75
C LEU A 223 8.27 7.87 -18.68
N LYS A 224 8.97 7.00 -19.37
CA LYS A 224 9.98 7.45 -20.32
C LYS A 224 9.42 8.28 -21.48
N GLN A 225 8.21 7.92 -21.96
CA GLN A 225 7.60 8.61 -23.09
C GLN A 225 6.28 9.35 -22.85
N LEU A 226 5.68 9.21 -21.69
CA LEU A 226 4.44 9.92 -21.41
C LEU A 226 4.73 11.43 -21.39
N PRO A 227 3.84 12.23 -22.00
CA PRO A 227 4.13 13.68 -21.85
C PRO A 227 4.21 14.16 -20.39
N ALA A 228 5.08 15.12 -20.13
CA ALA A 228 5.23 15.66 -18.77
C ALA A 228 3.94 16.19 -18.14
N GLU A 229 3.04 16.70 -18.99
CA GLU A 229 1.81 17.38 -18.60
CA GLU A 229 1.84 17.36 -18.46
C GLU A 229 0.64 16.44 -18.40
N ASP A 230 0.84 15.15 -18.64
CA ASP A 230 -0.31 14.25 -18.65
C ASP A 230 -0.95 14.22 -17.26
N LYS A 231 -2.27 14.21 -17.26
CA LYS A 231 -3.02 14.32 -16.00
C LYS A 231 -2.88 13.14 -15.05
N TYR A 232 -2.42 12.01 -15.55
CA TYR A 232 -2.28 10.83 -14.71
C TYR A 232 -0.83 10.55 -14.37
N ARG A 233 0.10 11.38 -14.83
CA ARG A 233 1.52 11.12 -14.61
C ARG A 233 1.90 10.96 -13.14
N GLU A 234 1.35 11.81 -12.27
CA GLU A 234 1.69 11.70 -10.85
C GLU A 234 1.19 10.35 -10.25
N GLU A 235 0.04 9.84 -10.73
CA GLU A 235 -0.41 8.50 -10.31
C GLU A 235 0.61 7.42 -10.68
N TYR A 236 1.13 7.50 -11.90
CA TYR A 236 2.09 6.50 -12.35
C TYR A 236 3.40 6.59 -11.57
N ILE A 237 3.89 7.79 -11.36
CA ILE A 237 5.09 7.98 -10.54
C ILE A 237 4.92 7.40 -9.13
N THR A 238 3.77 7.64 -8.52
CA THR A 238 3.52 7.15 -7.19
C THR A 238 3.47 5.63 -7.18
N ARG A 239 2.87 5.05 -8.20
CA ARG A 239 2.81 3.60 -8.29
C ARG A 239 4.23 3.04 -8.47
N PHE A 240 4.99 3.63 -9.38
CA PHE A 240 6.37 3.19 -9.61
C PHE A 240 7.24 3.26 -8.34
N GLN A 241 7.17 4.39 -7.64
CA GLN A 241 7.95 4.56 -6.43
C GLN A 241 7.54 3.59 -5.32
N THR A 242 6.25 3.37 -5.17
CA THR A 242 5.77 2.38 -4.17
C THR A 242 6.17 0.98 -4.49
N ALA A 244 8.76 0.17 -6.20
CA ALA A 244 10.21 0.10 -6.00
C ALA A 244 10.56 -0.27 -4.55
N LYS A 245 9.87 0.36 -3.63
CA LYS A 245 10.12 0.12 -2.24
C LYS A 245 9.70 -1.37 -1.87
N SER A 246 8.52 -1.81 -2.34
CA SER A 246 8.07 -3.17 -2.01
CA SER A 246 8.06 -3.17 -2.01
C SER A 246 8.97 -4.25 -2.64
N ILE A 247 9.37 -3.98 -3.86
CA ILE A 247 10.26 -4.91 -4.57
C ILE A 247 11.62 -4.95 -3.83
N ALA A 248 12.18 -3.79 -3.53
CA ALA A 248 13.48 -3.77 -2.85
C ALA A 248 13.50 -4.63 -1.56
N ALA A 249 12.41 -4.53 -0.82
CA ALA A 249 12.25 -5.17 0.46
C ALA A 249 12.23 -6.67 0.33
N CYS A 250 11.96 -7.24 -0.85
CA CYS A 250 11.96 -8.70 -0.91
C CYS A 250 13.09 -9.30 -1.77
N GLN A 251 14.10 -8.49 -2.08
CA GLN A 251 15.27 -8.98 -2.75
C GLN A 251 16.01 -10.05 -1.89
N GLN A 252 16.51 -11.10 -2.52
CA GLN A 252 17.27 -12.10 -1.77
C GLN A 252 18.70 -11.60 -1.55
N PRO A 253 19.38 -12.09 -0.51
CA PRO A 253 20.75 -11.68 -0.25
C PRO A 253 21.67 -11.85 -1.46
N GLU A 254 21.40 -12.87 -2.28
CA GLU A 254 22.22 -13.15 -3.46
C GLU A 254 22.01 -12.13 -4.62
N GLY A 255 20.97 -11.33 -4.49
CA GLY A 255 20.66 -10.24 -5.43
C GLY A 255 19.50 -10.54 -6.39
N TYR A 256 19.08 -11.80 -6.53
CA TYR A 256 17.94 -12.11 -7.36
C TYR A 256 16.64 -12.03 -6.53
N TRP A 257 15.50 -12.13 -7.23
CA TRP A 257 14.21 -12.31 -6.61
C TRP A 257 13.69 -13.71 -6.93
N THR A 258 13.11 -14.38 -5.95
CA THR A 258 12.49 -15.70 -6.20
C THR A 258 11.12 -15.61 -6.88
N ARG A 259 10.73 -16.69 -7.53
CA ARG A 259 9.53 -16.69 -8.33
C ARG A 259 8.25 -16.33 -7.55
N SER A 260 8.14 -16.78 -6.28
CA SER A 260 7.13 -16.28 -5.37
C SER A 260 7.84 -15.30 -4.47
N LEU A 261 7.58 -14.00 -4.68
CA LEU A 261 8.44 -12.95 -4.17
C LEU A 261 8.61 -12.96 -2.66
N ILE A 262 7.53 -13.25 -1.92
CA ILE A 262 7.63 -13.27 -0.48
CA ILE A 262 7.43 -13.25 -0.48
C ILE A 262 7.50 -14.69 0.14
N ASP A 263 7.60 -15.74 -0.68
CA ASP A 263 7.79 -17.13 -0.21
C ASP A 263 8.94 -17.79 -1.00
N PRO A 264 10.16 -17.45 -0.65
CA PRO A 264 11.28 -18.04 -1.37
C PRO A 264 11.32 -19.56 -1.27
N GLU A 265 10.84 -20.15 -0.17
CA GLU A 265 10.89 -21.61 0.04
C GLU A 265 9.94 -22.39 -0.89
N GLN A 266 8.84 -21.76 -1.29
CA GLN A 266 7.90 -22.39 -2.18
C GLN A 266 8.50 -22.67 -3.57
N ALA A 267 9.23 -21.72 -4.13
CA ALA A 267 9.78 -21.85 -5.48
C ALA A 267 11.20 -21.29 -5.39
N PRO A 268 12.15 -22.13 -4.91
CA PRO A 268 13.42 -21.60 -4.43
C PRO A 268 14.44 -21.28 -5.52
N GLY A 269 15.40 -20.47 -5.15
CA GLY A 269 16.66 -20.33 -5.90
C GLY A 269 16.56 -19.24 -6.93
N PRO A 270 17.65 -19.03 -7.63
CA PRO A 270 17.70 -17.98 -8.66
C PRO A 270 16.63 -18.09 -9.72
N GLU A 271 16.17 -16.90 -10.16
CA GLU A 271 15.37 -16.76 -11.36
C GLU A 271 15.78 -15.40 -11.99
N THR A 272 16.00 -15.43 -13.30
CA THR A 272 16.61 -14.29 -14.00
C THR A 272 15.63 -13.27 -14.57
N SER A 273 14.51 -13.72 -15.11
CA SER A 273 13.68 -12.81 -15.90
C SER A 273 13.03 -11.75 -15.03
N GLY A 274 12.47 -12.15 -13.89
CA GLY A 274 11.98 -11.14 -12.95
C GLY A 274 13.06 -10.19 -12.49
N THR A 275 14.16 -10.78 -12.07
CA THR A 275 15.32 -10.03 -11.63
C THR A 275 15.74 -9.01 -12.66
N ALA A 276 15.79 -9.40 -13.92
CA ALA A 276 16.32 -8.46 -14.95
C ALA A 276 15.36 -7.31 -15.18
N LEU A 277 14.06 -7.60 -15.19
CA LEU A 277 13.04 -6.56 -15.32
C LEU A 277 13.08 -5.59 -14.16
N PHE A 278 13.22 -6.11 -12.95
CA PHE A 278 13.35 -5.24 -11.77
C PHE A 278 14.61 -4.37 -11.88
N THR A 279 15.73 -4.98 -12.28
CA THR A 279 16.98 -4.26 -12.35
C THR A 279 16.85 -3.10 -13.33
N TYR A 280 16.26 -3.38 -14.51
CA TYR A 280 15.97 -2.33 -15.47
C TYR A 280 15.21 -1.20 -14.85
N GLY A 281 14.15 -1.55 -14.15
CA GLY A 281 13.29 -0.52 -13.58
C GLY A 281 14.00 0.32 -12.52
N PHE A 282 14.82 -0.32 -11.69
CA PHE A 282 15.52 0.41 -10.63
C PHE A 282 16.59 1.34 -11.26
N LEU A 283 17.34 0.81 -12.22
CA LEU A 283 18.38 1.62 -12.88
C LEU A 283 17.71 2.82 -13.59
N TRP A 284 16.64 2.58 -14.35
CA TRP A 284 15.92 3.67 -15.05
C TRP A 284 15.44 4.74 -14.04
N GLY A 285 14.82 4.26 -12.97
CA GLY A 285 14.32 5.15 -11.90
C GLY A 285 15.41 6.02 -11.26
N ILE A 286 16.57 5.45 -11.02
CA ILE A 286 17.68 6.20 -10.43
C ILE A 286 18.20 7.18 -11.48
N ASN A 287 18.39 6.69 -12.72
CA ASN A 287 18.93 7.52 -13.81
C ASN A 287 18.02 8.69 -14.15
N ASN A 288 16.73 8.56 -13.89
CA ASN A 288 15.76 9.56 -14.27
C ASN A 288 15.19 10.35 -13.11
N GLY A 289 15.84 10.23 -11.95
CA GLY A 289 15.52 11.08 -10.81
C GLY A 289 14.25 10.82 -10.01
N LEU A 290 13.68 9.62 -10.14
CA LEU A 290 12.45 9.23 -9.48
C LEU A 290 12.68 8.30 -8.30
N LEU A 291 13.90 7.73 -8.20
CA LEU A 291 14.31 6.91 -7.09
C LEU A 291 15.62 7.40 -6.51
N ASN A 292 15.66 7.50 -5.20
CA ASN A 292 16.83 7.98 -4.50
C ASN A 292 18.05 7.07 -4.75
N ALA A 293 19.12 7.66 -5.26
CA ALA A 293 20.32 6.89 -5.61
C ALA A 293 20.98 6.17 -4.44
N ASP A 294 21.04 6.79 -3.27
CA ASP A 294 21.70 6.19 -2.14
C ASP A 294 20.90 4.99 -1.62
N ILE A 295 19.58 5.10 -1.61
CA ILE A 295 18.72 4.01 -1.14
C ILE A 295 18.75 2.84 -2.11
N TYR A 296 18.61 3.11 -3.39
CA TYR A 296 18.44 2.03 -4.37
C TYR A 296 19.71 1.55 -5.03
N SER A 297 20.82 2.31 -4.94
CA SER A 297 22.07 1.85 -5.60
C SER A 297 22.57 0.48 -5.02
N PRO A 298 22.47 0.22 -3.71
CA PRO A 298 22.82 -1.12 -3.19
C PRO A 298 21.96 -2.29 -3.74
N ILE A 299 20.68 -2.01 -3.97
CA ILE A 299 19.79 -3.01 -4.56
C ILE A 299 20.26 -3.34 -5.99
N VAL A 300 20.55 -2.30 -6.77
CA VAL A 300 20.97 -2.52 -8.14
C VAL A 300 22.36 -3.15 -8.19
N GLU A 301 23.24 -2.83 -7.25
CA GLU A 301 24.59 -3.46 -7.30
C GLU A 301 24.47 -4.97 -7.10
N LYS A 302 23.66 -5.40 -6.13
CA LYS A 302 23.47 -6.83 -5.87
CA LYS A 302 23.46 -6.84 -5.86
C LYS A 302 22.79 -7.52 -7.04
N ALA A 303 21.79 -6.88 -7.60
CA ALA A 303 21.05 -7.44 -8.73
C ALA A 303 21.88 -7.58 -9.98
N TRP A 304 22.56 -6.50 -10.32
CA TRP A 304 23.40 -6.50 -11.52
C TRP A 304 24.53 -7.50 -11.34
N ASN A 305 25.09 -7.59 -10.14
CA ASN A 305 26.15 -8.56 -9.89
C ASN A 305 25.66 -10.00 -10.11
N TYR A 306 24.44 -10.28 -9.66
CA TYR A 306 23.81 -11.58 -9.95
C TYR A 306 23.67 -11.81 -11.47
N LEU A 307 23.14 -10.80 -12.18
CA LEU A 307 22.91 -10.95 -13.59
C LEU A 307 24.24 -11.21 -14.34
N LYS A 308 25.27 -10.46 -13.97
CA LYS A 308 26.57 -10.47 -14.71
C LYS A 308 27.36 -11.73 -14.39
N THR A 309 27.22 -12.21 -13.16
CA THR A 309 28.07 -13.30 -12.63
CA THR A 309 28.09 -13.30 -12.69
C THR A 309 27.42 -14.66 -12.73
N THR A 310 26.11 -14.72 -12.52
CA THR A 310 25.39 -15.99 -12.47
C THR A 310 24.49 -16.24 -13.70
N ALA A 311 23.65 -15.26 -14.08
CA ALA A 311 22.76 -15.50 -15.21
C ALA A 311 23.52 -15.56 -16.53
N LEU A 312 24.40 -14.58 -16.74
CA LEU A 312 25.23 -14.53 -17.95
C LEU A 312 26.20 -15.70 -17.97
N GLN A 313 26.18 -16.44 -19.07
CA GLN A 313 27.18 -17.47 -19.30
CA GLN A 313 27.16 -17.49 -19.36
C GLN A 313 28.27 -16.95 -20.25
N ALA A 314 29.41 -17.63 -20.30
CA ALA A 314 30.55 -17.15 -21.09
C ALA A 314 30.27 -16.89 -22.56
N ASP A 315 29.46 -17.71 -23.21
CA ASP A 315 29.17 -17.52 -24.62
C ASP A 315 28.03 -16.50 -24.92
N GLY A 316 27.46 -15.87 -23.88
CA GLY A 316 26.39 -14.89 -24.08
C GLY A 316 25.00 -15.42 -23.85
N LYS A 317 24.86 -16.72 -23.58
CA LYS A 317 23.55 -17.27 -23.21
C LYS A 317 23.18 -16.69 -21.84
N ILE A 318 21.88 -16.56 -21.56
CA ILE A 318 21.36 -16.05 -20.30
C ILE A 318 20.54 -17.21 -19.68
N GLY A 319 20.95 -17.65 -18.51
CA GLY A 319 20.35 -18.82 -17.88
C GLY A 319 19.40 -18.48 -16.71
N TYR A 320 18.87 -19.53 -16.10
CA TYR A 320 17.94 -19.42 -14.99
C TYR A 320 16.67 -18.64 -15.32
N ILE A 321 16.24 -18.70 -16.57
CA ILE A 321 14.96 -18.09 -16.97
C ILE A 321 13.81 -19.06 -16.76
N GLN A 322 12.86 -18.68 -15.91
CA GLN A 322 11.68 -19.53 -15.62
C GLN A 322 10.95 -19.76 -16.96
N PRO A 323 10.58 -20.98 -17.27
CA PRO A 323 9.92 -21.26 -18.56
C PRO A 323 8.49 -20.75 -18.59
N VAL A 324 7.88 -20.81 -19.77
CA VAL A 324 6.52 -20.37 -19.97
C VAL A 324 5.54 -21.53 -19.76
N GLY A 325 4.51 -21.27 -18.98
CA GLY A 325 3.31 -22.11 -18.99
C GLY A 325 3.53 -23.47 -18.37
N GLU A 326 4.40 -23.55 -17.40
CA GLU A 326 4.61 -24.85 -16.70
C GLU A 326 4.05 -24.71 -15.29
N LYS A 327 3.33 -25.74 -14.84
CA LYS A 327 2.71 -25.73 -13.52
C LYS A 327 3.82 -25.70 -12.47
N ALA A 328 3.59 -24.94 -11.39
CA ALA A 328 4.54 -24.79 -10.30
C ALA A 328 4.83 -26.12 -9.63
N ILE A 329 6.11 -26.43 -9.43
CA ILE A 329 6.51 -27.61 -8.63
C ILE A 329 7.23 -27.12 -7.35
N PRO A 330 6.51 -27.11 -6.23
CA PRO A 330 7.04 -26.61 -4.98
C PRO A 330 8.33 -27.32 -4.61
N GLY A 331 9.32 -26.52 -4.23
CA GLY A 331 10.64 -26.99 -3.87
C GLY A 331 11.62 -27.18 -5.00
N GLN A 332 11.17 -27.07 -6.25
CA GLN A 332 12.02 -27.39 -7.35
C GLN A 332 12.68 -26.11 -7.88
N VAL A 333 13.97 -26.18 -8.08
CA VAL A 333 14.77 -25.00 -8.62
C VAL A 333 14.62 -24.81 -10.12
N VAL A 334 14.93 -23.59 -10.62
CA VAL A 334 15.03 -23.35 -12.04
C VAL A 334 16.34 -23.94 -12.60
N ASP A 335 16.25 -24.59 -13.76
CA ASP A 335 17.45 -25.11 -14.43
C ASP A 335 18.37 -23.96 -14.84
N ALA A 336 19.65 -24.05 -14.47
CA ALA A 336 20.67 -23.07 -14.91
C ALA A 336 20.65 -22.84 -16.40
N ASN A 337 20.36 -23.87 -17.16
CA ASN A 337 20.46 -23.80 -18.60
C ASN A 337 19.19 -23.33 -19.29
N SER A 338 18.15 -22.96 -18.54
CA SER A 338 16.91 -22.46 -19.11
CA SER A 338 16.90 -22.46 -19.14
C SER A 338 17.08 -21.03 -19.66
N CYS A 339 17.01 -20.88 -20.98
CA CYS A 339 17.26 -19.60 -21.67
C CYS A 339 16.19 -19.41 -22.72
N PHE A 340 15.57 -18.23 -22.73
CA PHE A 340 14.51 -17.90 -23.70
C PHE A 340 14.69 -16.48 -24.21
N ASN A 341 14.29 -16.29 -25.49
CA ASN A 341 14.28 -14.97 -26.14
C ASN A 341 13.80 -13.83 -25.25
N PHE A 342 12.66 -14.00 -24.59
CA PHE A 342 12.11 -12.91 -23.82
C PHE A 342 12.96 -12.51 -22.64
N GLY A 343 13.67 -13.49 -22.08
CA GLY A 343 14.59 -13.32 -20.97
C GLY A 343 15.88 -12.65 -21.37
N ILE A 344 16.34 -12.95 -22.58
CA ILE A 344 17.46 -12.23 -23.18
C ILE A 344 17.04 -10.79 -23.42
N GLY A 345 15.81 -10.59 -23.86
CA GLY A 345 15.28 -9.23 -23.98
C GLY A 345 15.35 -8.43 -22.66
N ALA A 346 14.81 -9.04 -21.61
CA ALA A 346 14.87 -8.43 -20.28
C ALA A 346 16.28 -8.15 -19.79
N PHE A 347 17.20 -9.11 -19.97
CA PHE A 347 18.60 -8.92 -19.67
C PHE A 347 19.21 -7.70 -20.39
N LEU A 348 18.93 -7.60 -21.67
CA LEU A 348 19.42 -6.44 -22.45
C LEU A 348 18.88 -5.10 -21.97
N LEU A 349 17.61 -5.03 -21.56
CA LEU A 349 17.11 -3.79 -21.00
C LEU A 349 17.96 -3.41 -19.79
N ALA A 350 18.18 -4.37 -18.88
CA ALA A 350 18.94 -4.11 -17.65
C ALA A 350 20.38 -3.68 -17.99
N ALA A 351 21.00 -4.41 -18.92
CA ALA A 351 22.39 -4.15 -19.30
C ALA A 351 22.53 -2.75 -19.93
N CYS A 352 21.59 -2.40 -20.83
CA CYS A 352 21.65 -1.06 -21.47
C CYS A 352 21.52 0.05 -20.42
N GLU A 353 20.56 -0.10 -19.52
CA GLU A 353 20.37 0.89 -18.49
C GLU A 353 21.56 0.96 -17.51
N ARG A 354 22.25 -0.15 -17.30
CA ARG A 354 23.45 -0.17 -16.50
C ARG A 354 24.56 0.70 -17.12
N VAL A 355 24.70 0.63 -18.44
CA VAL A 355 25.65 1.53 -19.15
C VAL A 355 25.28 2.98 -18.86
N ARG A 356 23.98 3.32 -18.93
CA ARG A 356 23.56 4.67 -18.69
C ARG A 356 23.81 5.09 -17.24
N PHE A 357 23.72 4.16 -16.31
CA PHE A 357 23.99 4.44 -14.88
C PHE A 357 25.48 4.69 -14.62
N LEU A 358 26.36 4.12 -15.43
CA LEU A 358 27.79 4.23 -15.20
C LEU A 358 28.27 5.58 -15.72
N GLN A 359 27.40 6.22 -16.49
CA GLN A 359 27.42 7.66 -16.80
C GLN A 359 27.60 7.62 -18.30
N GLU B 11 3.12 29.46 27.06
CA GLU B 11 2.15 28.51 27.65
C GLU B 11 2.76 27.73 28.83
N THR B 12 2.03 27.63 29.93
CA THR B 12 2.56 26.98 31.12
C THR B 12 1.78 25.74 31.44
N SER B 13 2.39 24.85 32.23
CA SER B 13 1.69 23.65 32.66
C SER B 13 0.46 24.00 33.53
N GLU B 14 0.59 25.06 34.32
CA GLU B 14 -0.52 25.59 35.12
C GLU B 14 -1.76 25.96 34.23
N GLU B 15 -1.52 26.68 33.14
CA GLU B 15 -2.62 27.03 32.21
CA GLU B 15 -2.60 27.04 32.18
C GLU B 15 -3.27 25.79 31.61
N LEU B 16 -2.46 24.83 31.23
CA LEU B 16 -2.96 23.57 30.63
C LEU B 16 -3.75 22.77 31.65
N LEU B 17 -3.27 22.72 32.90
CA LEU B 17 -4.01 21.97 33.91
C LEU B 17 -5.35 22.63 34.16
N GLU B 18 -5.42 23.96 34.11
CA GLU B 18 -6.73 24.63 34.28
C GLU B 18 -7.72 24.22 33.16
N ILE B 19 -7.18 24.08 31.95
CA ILE B 19 -8.00 23.60 30.81
C ILE B 19 -8.49 22.18 31.07
N ILE B 20 -7.57 21.31 31.47
CA ILE B 20 -7.94 19.90 31.69
C ILE B 20 -9.04 19.76 32.73
N HIS B 21 -8.87 20.45 33.88
CA HIS B 21 -9.88 20.35 34.89
C HIS B 21 -11.18 21.01 34.53
N ARG B 22 -11.16 22.10 33.79
CA ARG B 22 -12.38 22.77 33.37
C ARG B 22 -13.20 21.84 32.50
N VAL B 23 -12.52 21.21 31.55
CA VAL B 23 -13.19 20.28 30.62
C VAL B 23 -13.74 19.06 31.35
N ASN B 24 -12.92 18.44 32.19
CA ASN B 24 -13.29 17.17 32.80
C ASN B 24 -14.30 17.39 33.88
N GLN B 25 -14.19 18.51 34.62
CA GLN B 25 -15.20 18.80 35.65
C GLN B 25 -16.54 19.16 35.06
N ARG B 26 -16.54 19.91 33.98
CA ARG B 26 -17.80 20.17 33.31
C ARG B 26 -18.52 18.88 32.89
N TYR B 27 -17.77 17.97 32.28
CA TYR B 27 -18.34 16.72 31.80
C TYR B 27 -18.91 15.88 32.95
N GLN B 28 -18.11 15.67 34.01
CA GLN B 28 -18.54 14.78 35.06
C GLN B 28 -19.65 15.38 35.90
N SER B 29 -19.72 16.70 36.00
CA SER B 29 -20.80 17.34 36.75
C SER B 29 -22.14 17.30 35.97
N HIS B 31 -22.90 14.81 33.62
CA HIS B 31 -23.31 13.44 33.26
C HIS B 31 -23.03 12.43 34.35
N LYS B 32 -24.04 11.68 34.75
CA LYS B 32 -23.81 10.65 35.73
C LYS B 32 -22.99 9.51 35.15
N PRO B 33 -22.19 8.84 36.00
CA PRO B 33 -21.33 7.76 35.47
C PRO B 33 -22.05 6.48 35.15
N GLN B 34 -23.30 6.34 35.63
CA GLN B 34 -24.09 5.12 35.46
C GLN B 34 -24.74 5.09 34.06
N VAL B 35 -23.91 4.92 33.06
CA VAL B 35 -24.34 4.70 31.67
C VAL B 35 -23.58 3.47 31.11
N ARG B 36 -24.06 2.96 29.98
CA ARG B 36 -23.56 1.70 29.44
C ARG B 36 -22.05 1.74 29.06
N SER B 37 -21.45 0.56 29.02
CA SER B 37 -20.02 0.43 28.78
C SER B 37 -19.65 0.39 27.28
N PHE B 38 -20.55 0.85 26.42
CA PHE B 38 -20.36 0.93 24.94
C PHE B 38 -19.29 1.95 24.61
N TRP B 39 -18.84 1.90 23.38
CA TRP B 39 -17.61 2.56 22.95
C TRP B 39 -17.54 4.06 23.22
N ASP B 40 -18.64 4.80 23.06
CA ASP B 40 -18.47 6.24 23.16
C ASP B 40 -18.20 6.65 24.61
N ASN B 41 -18.93 6.07 25.55
CA ASN B 41 -18.61 6.31 26.94
C ASN B 41 -17.24 5.69 27.29
N ALA B 42 -16.93 4.51 26.76
CA ALA B 42 -15.65 3.90 27.08
C ALA B 42 -14.45 4.70 26.59
N VAL B 43 -14.59 5.36 25.43
CA VAL B 43 -13.53 6.26 24.95
C VAL B 43 -13.35 7.43 25.90
N TYR B 44 -14.45 8.04 26.34
CA TYR B 44 -14.35 9.12 27.33
C TYR B 44 -13.52 8.59 28.52
N HIS B 45 -13.84 7.38 29.02
CA HIS B 45 -13.12 6.85 30.17
C HIS B 45 -11.64 6.63 29.90
N THR B 46 -11.22 6.31 28.66
CA THR B 46 -9.79 6.24 28.37
C THR B 46 -9.16 7.64 28.52
N GLY B 47 -9.92 8.69 28.19
CA GLY B 47 -9.44 10.03 28.44
C GLY B 47 -9.37 10.38 29.93
N ASN B 48 -10.40 10.01 30.69
CA ASN B 48 -10.40 10.21 32.14
C ASN B 48 -9.23 9.47 32.82
N GLU B 50 -6.37 8.82 31.47
CA GLU B 50 -5.19 9.59 31.17
C GLU B 50 -5.06 10.79 32.13
N VAL B 51 -6.18 11.46 32.39
CA VAL B 51 -6.21 12.56 33.34
C VAL B 51 -5.82 12.08 34.74
N CYS B 52 -6.29 10.91 35.18
CA CYS B 52 -5.89 10.37 36.47
C CYS B 52 -4.40 10.09 36.54
N ALA B 53 -3.80 9.54 35.48
CA ALA B 53 -2.35 9.33 35.42
C ALA B 53 -1.58 10.62 35.54
N LEU B 54 -2.10 11.71 34.95
CA LEU B 54 -1.40 12.99 34.98
C LEU B 54 -1.58 13.72 36.32
N THR B 55 -2.74 13.58 36.94
CA THR B 55 -3.12 14.39 38.07
C THR B 55 -3.32 13.69 39.38
N GLY B 56 -3.55 12.39 39.38
CA GLY B 56 -3.83 11.66 40.60
C GLY B 56 -5.18 11.97 41.25
N ASN B 57 -6.05 12.62 40.53
CA ASN B 57 -7.29 13.09 41.10
C ASN B 57 -8.20 11.95 41.51
N LYS B 58 -8.50 11.84 42.81
CA LYS B 58 -9.28 10.73 43.31
C LYS B 58 -10.75 10.79 42.93
N ASP B 59 -11.28 11.99 42.70
CA ASP B 59 -12.71 12.12 42.34
C ASP B 59 -12.90 11.65 40.90
N TYR B 60 -11.93 11.99 40.05
CA TYR B 60 -11.97 11.51 38.66
C TYR B 60 -11.85 9.98 38.66
N LEU B 61 -10.96 9.43 39.46
CA LEU B 61 -10.83 7.99 39.54
C LEU B 61 -12.13 7.33 39.92
N GLN B 62 -12.80 7.87 40.94
CA GLN B 62 -14.08 7.35 41.39
C GLN B 62 -15.17 7.38 40.31
N TYR B 63 -15.15 8.39 39.44
CA TYR B 63 -16.07 8.44 38.28
C TYR B 63 -15.96 7.20 37.38
N SER B 64 -14.72 6.78 37.07
CA SER B 64 -14.51 5.59 36.24
C SER B 64 -14.87 4.33 37.04
N ILE B 65 -14.56 4.30 38.33
CA ILE B 65 -14.89 3.14 39.16
C ILE B 65 -16.41 2.96 39.23
N ASP B 66 -17.14 4.05 39.37
CA ASP B 66 -18.61 4.01 39.46
C ASP B 66 -19.23 3.49 38.17
N TRP B 67 -18.68 3.92 37.06
CA TRP B 67 -19.08 3.41 35.76
C TRP B 67 -18.82 1.92 35.60
N ALA B 68 -17.60 1.48 35.94
CA ALA B 68 -17.28 0.08 35.85
C ALA B 68 -18.18 -0.75 36.76
N ASP B 69 -18.35 -0.33 38.00
CA ASP B 69 -19.27 -1.01 38.90
C ASP B 69 -20.70 -1.12 38.36
N TYR B 70 -21.23 -0.03 37.84
CA TYR B 70 -22.56 0.00 37.26
C TYR B 70 -22.68 -1.06 36.13
N ASN B 71 -21.61 -1.21 35.36
CA ASN B 71 -21.57 -2.14 34.22
C ASN B 71 -21.06 -3.53 34.56
N GLN B 72 -20.90 -3.74 35.88
CA GLN B 72 -20.48 -5.02 36.42
C GLN B 72 -19.17 -5.50 35.82
N TRP B 73 -18.29 -4.58 35.40
CA TRP B 73 -16.98 -4.95 34.90
C TRP B 73 -17.13 -5.86 33.64
N LYS B 74 -18.20 -5.56 32.89
CA LYS B 74 -18.46 -6.22 31.61
C LYS B 74 -18.68 -5.23 30.47
N GLY B 75 -18.56 -5.76 29.27
CA GLY B 75 -19.07 -5.09 28.11
C GLY B 75 -20.46 -5.60 27.82
N ALA B 76 -20.68 -6.17 26.63
CA ALA B 76 -21.97 -6.82 26.30
C ALA B 76 -22.13 -8.05 27.16
N THR B 77 -23.35 -8.36 27.61
CA THR B 77 -23.49 -9.31 28.73
C THR B 77 -23.87 -10.76 28.43
N SER B 78 -24.06 -11.13 27.18
CA SER B 78 -24.50 -12.52 26.87
C SER B 78 -23.56 -13.58 27.45
N ASN B 79 -24.08 -14.61 28.13
CA ASN B 79 -23.21 -15.73 28.54
C ASN B 79 -23.31 -16.97 27.65
N ASN B 80 -23.83 -16.81 26.45
CA ASN B 80 -24.01 -17.91 25.53
C ASN B 80 -23.07 -17.72 24.35
N LYS B 81 -21.87 -18.32 24.41
CA LYS B 81 -20.85 -18.06 23.40
C LYS B 81 -21.29 -18.47 22.00
N ALA B 82 -22.17 -19.46 21.93
CA ALA B 82 -22.74 -19.89 20.64
C ALA B 82 -23.44 -18.74 19.91
N GLU B 83 -23.95 -17.75 20.64
CA GLU B 83 -24.58 -16.60 19.99
C GLU B 83 -23.72 -15.34 19.81
N TRP B 84 -22.47 -15.36 20.25
CA TRP B 84 -21.68 -14.11 20.26
C TRP B 84 -21.39 -13.69 18.83
N ARG B 85 -21.54 -12.39 18.60
CA ARG B 85 -21.32 -11.83 17.28
CA ARG B 85 -21.36 -11.79 17.28
C ARG B 85 -20.22 -10.78 17.33
N SER B 86 -19.64 -10.54 16.16
CA SER B 86 -18.52 -9.60 16.05
C SER B 86 -18.71 -8.44 15.06
N THR B 87 -19.92 -8.24 14.59
CA THR B 87 -20.27 -7.11 13.72
C THR B 87 -21.02 -6.08 14.54
N TYR B 88 -21.37 -4.93 13.96
CA TYR B 88 -22.02 -3.89 14.72
C TYR B 88 -23.34 -4.33 15.35
N GLY B 89 -23.41 -4.12 16.65
CA GLY B 89 -24.71 -4.21 17.32
C GLY B 89 -24.65 -3.75 18.73
N GLU B 90 -25.83 -3.51 19.32
CA GLU B 90 -25.92 -2.90 20.64
C GLU B 90 -26.60 -3.75 21.70
N SER B 91 -27.10 -4.91 21.30
CA SER B 91 -27.75 -5.83 22.24
C SER B 91 -26.69 -6.78 22.86
N PRO B 92 -27.08 -7.59 23.85
CA PRO B 92 -26.08 -8.30 24.67
C PRO B 92 -25.29 -9.37 23.93
N GLU B 93 -25.65 -9.80 22.72
CA GLU B 93 -24.90 -10.88 22.08
C GLU B 93 -23.63 -10.36 21.36
N TYR B 94 -23.47 -9.05 21.26
CA TYR B 94 -22.40 -8.48 20.46
C TYR B 94 -21.07 -8.41 21.22
N VAL B 95 -20.76 -9.51 21.90
CA VAL B 95 -19.66 -9.58 22.83
C VAL B 95 -18.28 -9.51 22.15
N LEU B 96 -18.19 -10.01 20.92
CA LEU B 96 -16.92 -10.03 20.19
C LEU B 96 -16.76 -8.86 19.22
N PHE B 97 -17.66 -7.86 19.35
CA PHE B 97 -17.52 -6.63 18.55
C PHE B 97 -16.71 -5.63 19.38
N GLY B 98 -15.62 -5.10 18.81
CA GLY B 98 -14.70 -4.28 19.56
C GLY B 98 -15.24 -3.07 20.26
N ASP B 99 -16.37 -2.53 19.80
CA ASP B 99 -17.01 -1.44 20.49
C ASP B 99 -17.51 -1.80 21.89
N TRP B 100 -17.72 -3.10 22.16
CA TRP B 100 -18.01 -3.57 23.49
C TRP B 100 -16.81 -4.14 24.26
N GLN B 101 -15.62 -3.88 23.73
CA GLN B 101 -14.36 -4.35 24.32
C GLN B 101 -13.43 -3.20 24.79
N VAL B 102 -13.65 -1.98 24.29
CA VAL B 102 -12.84 -0.85 24.68
C VAL B 102 -13.00 -0.51 26.16
N CYS B 103 -14.14 -0.83 26.74
CA CYS B 103 -14.31 -0.72 28.22
C CYS B 103 -13.23 -1.55 28.98
N PHE B 104 -12.80 -2.66 28.42
CA PHE B 104 -11.72 -3.50 29.00
C PHE B 104 -10.44 -2.71 29.28
N GLN B 105 -10.14 -1.68 28.49
CA GLN B 105 -8.98 -0.87 28.73
C GLN B 105 -9.05 -0.21 30.09
N THR B 106 -10.19 0.38 30.41
CA THR B 106 -10.38 1.02 31.69
C THR B 106 -10.47 -0.01 32.83
N TYR B 107 -11.11 -1.14 32.57
CA TYR B 107 -11.17 -2.22 33.60
C TYR B 107 -9.77 -2.67 33.98
N ALA B 108 -8.92 -2.87 32.97
CA ALA B 108 -7.51 -3.22 33.19
C ALA B 108 -6.75 -2.12 33.95
N ASP B 109 -6.91 -0.86 33.54
CA ASP B 109 -6.24 0.25 34.26
C ASP B 109 -6.65 0.26 35.72
N LEU B 110 -7.93 0.02 35.98
CA LEU B 110 -8.44 0.06 37.36
C LEU B 110 -7.96 -1.15 38.18
N TYR B 111 -7.87 -2.31 37.54
CA TYR B 111 -7.26 -3.50 38.12
C TYR B 111 -5.82 -3.24 38.58
N LYS B 112 -5.01 -2.63 37.71
CA LYS B 112 -3.64 -2.34 38.10
C LYS B 112 -3.56 -1.51 39.36
N LEU B 113 -4.49 -0.58 39.53
CA LEU B 113 -4.50 0.26 40.75
C LEU B 113 -4.88 -0.50 41.98
N ASP B 114 -5.76 -1.49 41.84
CA ASP B 114 -6.36 -2.19 43.00
C ASP B 114 -6.78 -3.56 42.49
N PRO B 115 -5.81 -4.50 42.47
CA PRO B 115 -6.08 -5.79 41.88
C PRO B 115 -7.20 -6.53 42.52
N ASP B 116 -8.11 -7.06 41.72
CA ASP B 116 -9.24 -7.83 42.18
C ASP B 116 -9.66 -8.64 40.96
N THR B 117 -9.69 -9.97 41.07
CA THR B 117 -9.92 -10.78 39.86
C THR B 117 -11.25 -10.43 39.16
N ILE B 118 -12.27 -10.01 39.90
CA ILE B 118 -13.56 -9.68 39.27
CA ILE B 118 -13.57 -9.66 39.33
C ILE B 118 -13.45 -8.57 38.24
N LYS B 119 -12.53 -7.63 38.43
CA LYS B 119 -12.36 -6.49 37.52
C LYS B 119 -11.99 -6.88 36.09
N ILE B 120 -11.23 -7.97 35.94
CA ILE B 120 -10.81 -8.43 34.65
C ILE B 120 -11.35 -9.80 34.30
N ALA B 121 -12.28 -10.35 35.10
CA ALA B 121 -12.79 -11.67 34.78
C ALA B 121 -13.44 -11.74 33.42
N ARG B 122 -14.36 -10.80 33.12
CA ARG B 122 -15.01 -10.75 31.84
C ARG B 122 -14.05 -10.45 30.70
N ALA B 123 -13.17 -9.50 30.89
CA ALA B 123 -12.21 -9.17 29.84
C ALA B 123 -11.39 -10.41 29.44
N ARG B 124 -10.90 -11.15 30.43
CA ARG B 124 -10.15 -12.38 30.17
C ARG B 124 -11.04 -13.41 29.49
N GLU B 125 -12.24 -13.63 29.99
CA GLU B 125 -13.14 -14.64 29.39
C GLU B 125 -13.36 -14.36 27.90
N VAL B 126 -13.70 -13.10 27.63
CA VAL B 126 -14.02 -12.67 26.27
C VAL B 126 -12.81 -12.69 25.36
N GLU B 128 -9.87 -14.08 25.72
CA GLU B 128 -9.20 -15.39 25.60
C GLU B 128 -10.03 -16.35 24.78
N TYR B 129 -11.35 -16.24 24.86
CA TYR B 129 -12.19 -16.99 23.92
C TYR B 129 -11.96 -16.53 22.45
N GLN B 130 -11.97 -15.22 22.22
CA GLN B 130 -11.79 -14.68 20.90
C GLN B 130 -10.49 -15.22 20.29
N SER B 132 -8.92 -17.89 21.03
CA SER B 132 -8.99 -19.34 20.73
C SER B 132 -9.70 -19.69 19.43
N THR B 133 -10.50 -18.77 18.90
CA THR B 133 -11.22 -19.03 17.66
C THR B 133 -10.26 -18.90 16.47
N SER B 134 -10.63 -19.51 15.34
CA SER B 134 -9.83 -19.48 14.13
CA SER B 134 -9.81 -19.49 14.13
C SER B 134 -9.96 -18.19 13.35
N LYS B 135 -11.09 -17.52 13.53
CA LYS B 135 -11.35 -16.24 12.81
C LYS B 135 -10.28 -15.23 13.11
N LEU B 136 -9.88 -14.48 12.06
CA LEU B 136 -8.84 -13.47 12.17
C LEU B 136 -9.27 -12.04 11.82
N ASP B 137 -10.45 -11.87 11.22
CA ASP B 137 -10.89 -10.53 10.78
C ASP B 137 -11.86 -9.83 11.74
N TYR B 138 -11.52 -9.85 13.03
CA TYR B 138 -12.27 -9.17 14.05
C TYR B 138 -12.17 -7.66 13.93
N TRP B 139 -11.06 -7.18 13.37
CA TRP B 139 -10.86 -5.70 13.31
C TRP B 139 -11.04 -5.26 11.88
N HIS B 140 -12.30 -5.31 11.47
CA HIS B 140 -12.67 -5.15 10.08
C HIS B 140 -13.05 -3.67 9.80
N TRP B 141 -12.88 -2.79 10.79
CA TRP B 141 -13.08 -1.34 10.56
C TRP B 141 -11.95 -0.64 11.32
N VAL B 142 -11.49 0.51 10.81
CA VAL B 142 -10.23 1.05 11.33
C VAL B 142 -10.32 1.42 12.80
N ASP B 143 -11.51 1.87 13.24
CA ASP B 143 -11.69 2.39 14.58
C ASP B 143 -11.42 1.30 15.62
N ALA B 144 -11.60 0.05 15.24
CA ALA B 144 -11.30 -1.11 16.09
C ALA B 144 -9.87 -1.10 16.61
N LEU B 145 -8.93 -0.52 15.84
CA LEU B 145 -7.55 -0.48 16.33
C LEU B 145 -7.43 0.30 17.67
N TYR B 146 -8.14 1.46 17.83
CA TYR B 146 -8.14 2.18 19.10
C TYR B 146 -8.92 1.37 20.11
N VAL B 148 -9.43 -1.81 20.48
CA VAL B 148 -8.93 -3.12 20.96
C VAL B 148 -7.40 -3.29 20.98
N PRO B 150 -5.10 -1.51 22.35
CA PRO B 150 -4.60 -1.26 23.70
C PRO B 150 -5.11 -2.28 24.72
N VAL B 151 -6.27 -2.90 24.48
CA VAL B 151 -6.68 -4.08 25.30
C VAL B 151 -5.59 -5.14 25.30
N VAL B 153 -2.27 -5.03 24.86
CA VAL B 153 -1.08 -4.71 25.64
C VAL B 153 -1.40 -4.58 27.14
N LYS B 154 -2.57 -4.05 27.48
CA LYS B 154 -2.96 -3.94 28.86
C LYS B 154 -3.20 -5.33 29.44
N TYR B 156 -1.93 -8.24 28.36
CA TYR B 156 -0.58 -8.84 28.49
C TYR B 156 0.13 -8.40 29.77
N ASP B 157 0.16 -7.10 30.00
CA ASP B 157 0.81 -6.55 31.16
C ASP B 157 0.33 -7.25 32.45
N ILE B 158 -0.97 -7.51 32.56
CA ILE B 158 -1.54 -8.22 33.75
C ILE B 158 -1.25 -9.71 33.71
N THR B 159 -1.57 -10.40 32.61
CA THR B 159 -1.55 -11.84 32.62
C THR B 159 -0.19 -12.45 32.27
N LYS B 160 0.63 -11.70 31.55
CA LYS B 160 1.83 -12.15 30.87
C LYS B 160 1.59 -13.32 29.92
N ASN B 161 0.36 -13.44 29.43
CA ASN B 161 0.00 -14.47 28.46
C ASN B 161 0.47 -14.00 27.08
N PRO B 162 1.45 -14.69 26.46
CA PRO B 162 2.03 -14.17 25.24
C PRO B 162 1.10 -14.20 24.06
N LEU B 163 0.01 -14.96 24.15
CA LEU B 163 -0.92 -15.02 23.05
C LEU B 163 -1.54 -13.62 22.75
N TYR B 164 -1.69 -12.77 23.77
CA TYR B 164 -2.24 -11.39 23.56
C TYR B 164 -1.36 -10.61 22.58
N LEU B 165 -0.04 -10.79 22.64
CA LEU B 165 0.89 -10.08 21.79
C LEU B 165 1.03 -10.67 20.39
N GLU B 166 0.82 -11.97 20.24
CA GLU B 166 0.81 -12.60 18.94
CA GLU B 166 0.83 -12.59 18.92
C GLU B 166 -0.48 -12.25 18.21
N LYS B 167 -1.61 -12.30 18.92
CA LYS B 167 -2.92 -12.03 18.32
C LYS B 167 -3.05 -10.53 17.98
N LEU B 168 -2.44 -9.67 18.77
CA LEU B 168 -2.31 -8.24 18.41
C LEU B 168 -1.80 -8.11 16.99
N HIS B 169 -0.67 -8.75 16.73
CA HIS B 169 -0.05 -8.64 15.43
C HIS B 169 -0.88 -9.34 14.38
N GLN B 170 -1.40 -10.53 14.69
CA GLN B 170 -2.17 -11.24 13.74
C GLN B 170 -3.49 -10.51 13.28
N TYR B 171 -4.25 -9.99 14.22
CA TYR B 171 -5.49 -9.28 13.83
C TYR B 171 -5.13 -7.98 13.07
N LEU B 172 -4.07 -7.33 13.47
CA LEU B 172 -3.63 -6.10 12.77
C LEU B 172 -3.25 -6.41 11.31
N THR B 173 -2.59 -7.53 11.05
CA THR B 173 -2.18 -7.89 9.66
C THR B 173 -3.39 -7.98 8.77
N VAL B 174 -4.53 -8.43 9.32
CA VAL B 174 -5.75 -8.51 8.56
C VAL B 174 -6.37 -7.14 8.34
N THR B 175 -6.43 -6.30 9.37
CA THR B 175 -6.87 -4.91 9.20
C THR B 175 -6.03 -4.24 8.10
N ASP B 176 -4.71 -4.46 8.12
CA ASP B 176 -3.85 -3.83 7.09
C ASP B 176 -4.23 -4.33 5.72
N SER B 177 -4.46 -5.62 5.58
CA SER B 177 -4.77 -6.17 4.27
CA SER B 177 -4.78 -6.19 4.28
C SER B 177 -6.07 -5.55 3.72
N ILE B 178 -7.03 -5.35 4.57
CA ILE B 178 -8.31 -4.81 4.13
C ILE B 178 -8.24 -3.32 3.80
N TYR B 180 -5.18 -0.81 4.66
CA TYR B 180 -3.99 0.01 4.55
C TYR B 180 -3.58 0.29 3.12
N ASP B 181 -3.36 1.56 2.81
CA ASP B 181 -2.97 1.97 1.49
C ASP B 181 -1.48 2.31 1.52
N ARG B 182 -0.62 1.42 1.02
CA ARG B 182 0.82 1.62 1.09
C ARG B 182 1.29 2.85 0.33
N GLU B 183 0.63 3.21 -0.79
CA GLU B 183 1.01 4.42 -1.52
C GLU B 183 0.96 5.67 -0.68
N VAL B 184 -0.05 5.77 0.18
CA VAL B 184 -0.30 6.97 0.93
C VAL B 184 0.17 6.89 2.36
N GLY B 185 0.17 5.69 2.93
CA GLY B 185 0.54 5.54 4.34
C GLY B 185 -0.63 5.84 5.29
N LEU B 186 -1.84 5.67 4.79
CA LEU B 186 -3.05 5.86 5.61
C LEU B 186 -3.98 4.69 5.43
N TYR B 187 -4.93 4.58 6.37
CA TYR B 187 -5.97 3.58 6.33
C TYR B 187 -7.32 4.09 5.86
N TYR B 188 -7.95 3.31 4.98
CA TYR B 188 -9.37 3.56 4.65
C TYR B 188 -10.19 3.17 5.88
N ARG B 189 -11.37 3.69 6.05
CA ARG B 189 -12.09 3.42 7.27
C ARG B 189 -12.66 2.04 7.36
N ASP B 190 -12.99 1.41 6.21
CA ASP B 190 -13.43 0.03 6.20
C ASP B 190 -13.42 -0.42 4.74
N ALA B 191 -13.90 -1.62 4.46
CA ALA B 191 -13.77 -2.16 3.10
C ALA B 191 -14.65 -1.51 2.01
N LYS B 192 -15.63 -0.68 2.38
CA LYS B 192 -16.42 0.05 1.37
CA LYS B 192 -16.44 0.04 1.41
C LYS B 192 -15.67 1.21 0.73
N TYR B 193 -14.62 1.70 1.42
CA TYR B 193 -13.92 2.99 1.07
C TYR B 193 -12.67 3.05 0.16
N PRO B 194 -11.98 1.92 -0.07
CA PRO B 194 -10.79 1.97 -0.93
C PRO B 194 -11.04 2.48 -2.38
N TYR B 195 -10.01 3.17 -2.90
CA TYR B 195 -10.06 3.81 -4.20
C TYR B 195 -9.62 2.81 -5.23
N PRO B 196 -10.18 2.90 -6.49
CA PRO B 196 -11.06 3.95 -7.05
C PRO B 196 -12.54 3.59 -7.14
N PHE B 197 -12.92 2.41 -6.67
CA PHE B 197 -14.35 2.11 -6.56
C PHE B 197 -15.10 3.20 -5.79
N HIS B 198 -14.49 3.72 -4.73
CA HIS B 198 -15.04 4.88 -4.03
C HIS B 198 -14.04 6.03 -4.19
N LYS B 199 -14.53 7.20 -4.54
CA LYS B 199 -13.64 8.40 -4.63
C LYS B 199 -14.35 9.56 -4.02
N THR B 200 -13.59 10.58 -3.61
CA THR B 200 -14.22 11.79 -3.15
C THR B 200 -14.80 12.58 -4.35
N ILE B 201 -15.54 13.63 -4.03
CA ILE B 201 -16.17 14.41 -5.09
CA ILE B 201 -16.14 14.54 -4.98
C ILE B 201 -15.12 15.10 -5.97
N ASN B 202 -13.91 15.31 -5.46
CA ASN B 202 -12.80 15.82 -6.33
C ASN B 202 -11.91 14.73 -6.92
N GLY B 203 -12.40 13.48 -6.86
CA GLY B 203 -11.72 12.35 -7.48
C GLY B 203 -10.53 11.83 -6.71
N LYS B 204 -10.50 12.08 -5.38
CA LYS B 204 -9.36 11.71 -4.56
CA LYS B 204 -9.36 11.67 -4.61
C LYS B 204 -9.67 10.45 -3.76
N LYS B 205 -8.63 9.84 -3.23
CA LYS B 205 -8.78 8.75 -2.25
C LYS B 205 -9.41 9.34 -0.99
N ASP B 206 -10.35 8.60 -0.41
CA ASP B 206 -11.13 9.11 0.73
C ASP B 206 -10.63 8.46 2.00
N PHE B 207 -9.81 9.18 2.76
CA PHE B 207 -9.33 8.72 4.04
C PHE B 207 -10.00 9.50 5.17
N TRP B 208 -10.72 8.79 6.05
CA TRP B 208 -11.51 9.49 7.10
C TRP B 208 -10.63 9.93 8.24
N SER B 209 -10.69 11.20 8.58
CA SER B 209 -9.83 11.77 9.63
C SER B 209 -9.95 11.04 10.96
N ARG B 210 -11.15 10.95 11.51
CA ARG B 210 -11.28 10.29 12.77
C ARG B 210 -10.77 8.84 12.70
N GLY B 211 -11.03 8.11 11.58
CA GLY B 211 -10.60 6.76 11.46
C GLY B 211 -9.09 6.64 11.54
N ASP B 212 -8.37 7.47 10.83
CA ASP B 212 -6.92 7.42 10.93
C ASP B 212 -6.42 7.96 12.29
N GLY B 213 -7.17 8.84 12.91
CA GLY B 213 -6.83 9.34 14.23
C GLY B 213 -6.91 8.19 15.26
N TRP B 214 -7.96 7.38 15.14
CA TRP B 214 -8.05 6.16 15.97
C TRP B 214 -6.79 5.29 15.78
N ALA B 215 -6.41 5.06 14.55
CA ALA B 215 -5.25 4.19 14.32
C ALA B 215 -3.96 4.77 14.85
N PHE B 216 -3.70 6.06 14.58
CA PHE B 216 -2.46 6.69 15.03
C PHE B 216 -2.35 6.72 16.55
N ALA B 217 -3.41 7.12 17.23
CA ALA B 217 -3.46 7.14 18.67
C ALA B 217 -3.36 5.69 19.21
N ALA B 218 -3.91 4.73 18.49
CA ALA B 218 -3.81 3.33 18.94
C ALA B 218 -2.35 2.82 18.90
N PHE B 219 -1.60 3.15 17.84
CA PHE B 219 -0.19 2.78 17.76
C PHE B 219 0.60 3.39 18.92
N ALA B 220 0.32 4.66 19.25
CA ALA B 220 0.92 5.27 20.44
C ALA B 220 0.62 4.52 21.72
N LYS B 221 -0.65 4.17 21.95
CA LYS B 221 -0.99 3.41 23.14
C LYS B 221 -0.38 2.01 23.16
N VAL B 222 -0.26 1.37 21.99
CA VAL B 222 0.39 0.10 21.94
C VAL B 222 1.87 0.25 22.34
N LEU B 223 2.53 1.22 21.74
CA LEU B 223 3.95 1.40 22.00
C LEU B 223 4.24 1.86 23.43
N LYS B 224 3.28 2.50 24.07
CA LYS B 224 3.41 2.95 25.43
C LYS B 224 3.56 1.78 26.39
N GLN B 225 2.86 0.68 26.13
CA GLN B 225 2.84 -0.44 27.06
C GLN B 225 3.35 -1.77 26.54
N LEU B 226 3.65 -1.87 25.26
CA LEU B 226 4.27 -3.05 24.71
C LEU B 226 5.66 -3.31 25.31
N PRO B 227 5.96 -4.55 25.63
CA PRO B 227 7.35 -4.80 26.09
C PRO B 227 8.39 -4.36 25.10
N ALA B 228 9.49 -3.80 25.59
CA ALA B 228 10.57 -3.32 24.73
C ALA B 228 11.15 -4.40 23.84
N GLU B 229 11.10 -5.63 24.32
CA GLU B 229 11.65 -6.81 23.68
CA GLU B 229 11.72 -6.72 23.56
C GLU B 229 10.71 -7.49 22.69
N ASP B 230 9.45 -7.03 22.58
CA ASP B 230 8.51 -7.76 21.72
C ASP B 230 8.97 -7.89 20.26
N LYS B 231 8.78 -9.05 19.65
CA LYS B 231 9.29 -9.28 18.31
C LYS B 231 8.71 -8.41 17.21
N TYR B 232 7.50 -7.88 17.44
CA TYR B 232 6.89 -7.04 16.44
C TYR B 232 6.99 -5.54 16.67
N ARG B 233 7.68 -5.14 17.74
CA ARG B 233 7.74 -3.73 18.12
C ARG B 233 8.30 -2.84 17.02
N GLU B 234 9.39 -3.26 16.38
CA GLU B 234 9.90 -2.47 15.25
C GLU B 234 8.94 -2.26 14.08
N GLU B 235 8.14 -3.27 13.73
CA GLU B 235 7.06 -3.08 12.77
C GLU B 235 6.06 -2.00 13.17
N TYR B 236 5.66 -1.97 14.45
CA TYR B 236 4.72 -0.97 14.93
C TYR B 236 5.36 0.41 14.88
N ILE B 237 6.63 0.50 15.28
CA ILE B 237 7.36 1.77 15.20
C ILE B 237 7.40 2.31 13.81
N THR B 238 7.76 1.46 12.86
CA THR B 238 7.82 1.83 11.45
C THR B 238 6.46 2.37 10.97
N ARG B 239 5.41 1.63 11.26
CA ARG B 239 4.06 2.08 10.88
C ARG B 239 3.71 3.43 11.49
N PHE B 240 4.04 3.61 12.77
CA PHE B 240 3.75 4.84 13.48
C PHE B 240 4.47 6.00 12.81
N GLN B 241 5.75 5.78 12.49
CA GLN B 241 6.52 6.80 11.82
C GLN B 241 6.05 7.13 10.43
N THR B 242 5.63 6.14 9.68
CA THR B 242 5.06 6.34 8.34
C THR B 242 3.78 7.17 8.42
N ALA B 244 2.92 9.22 10.85
CA ALA B 244 3.29 10.57 11.31
C ALA B 244 3.57 11.45 10.10
N LYS B 245 4.34 10.90 9.18
CA LYS B 245 4.72 11.66 8.00
C LYS B 245 3.49 11.96 7.09
N SER B 246 2.68 10.94 6.82
CA SER B 246 1.52 11.10 5.94
CA SER B 246 1.52 11.11 5.95
C SER B 246 0.45 12.03 6.57
N ILE B 247 0.26 11.92 7.89
CA ILE B 247 -0.72 12.79 8.59
C ILE B 247 -0.21 14.24 8.57
N ALA B 248 1.09 14.43 8.86
CA ALA B 248 1.65 15.79 8.87
C ALA B 248 1.50 16.46 7.52
N ALA B 249 1.65 15.66 6.46
CA ALA B 249 1.61 16.19 5.11
C ALA B 249 0.23 16.73 4.74
N CYS B 250 -0.83 16.31 5.45
CA CYS B 250 -2.16 16.75 5.05
C CYS B 250 -2.84 17.67 6.07
N GLN B 251 -2.07 18.18 7.05
CA GLN B 251 -2.61 19.13 8.00
C GLN B 251 -3.03 20.43 7.29
N GLN B 252 -4.15 21.03 7.66
CA GLN B 252 -4.50 22.32 7.08
C GLN B 252 -3.69 23.44 7.69
N PRO B 253 -3.52 24.56 6.97
CA PRO B 253 -2.80 25.69 7.52
C PRO B 253 -3.34 26.17 8.89
N GLU B 254 -4.65 26.05 9.12
CA GLU B 254 -5.27 26.42 10.40
C GLU B 254 -4.94 25.49 11.60
N GLY B 255 -4.40 24.33 11.27
CA GLY B 255 -3.88 23.38 12.24
C GLY B 255 -4.71 22.15 12.47
N TYR B 256 -5.94 22.18 11.97
CA TYR B 256 -6.80 20.99 12.04
C TYR B 256 -6.68 20.14 10.80
N TRP B 257 -7.26 18.94 10.88
CA TRP B 257 -7.39 18.06 9.72
C TRP B 257 -8.85 17.98 9.35
N THR B 258 -9.14 17.96 8.04
CA THR B 258 -10.49 17.87 7.53
C THR B 258 -10.96 16.39 7.50
N ARG B 259 -12.27 16.21 7.53
CA ARG B 259 -12.91 14.91 7.65
C ARG B 259 -12.47 13.97 6.51
N SER B 260 -12.31 14.46 5.28
CA SER B 260 -11.62 13.71 4.23
C SER B 260 -10.20 14.26 4.14
N LEU B 261 -9.21 13.46 4.55
CA LEU B 261 -7.88 13.98 4.87
C LEU B 261 -7.21 14.66 3.72
N ILE B 262 -7.36 14.08 2.53
CA ILE B 262 -6.71 14.65 1.37
C ILE B 262 -7.67 15.23 0.35
N ASP B 263 -8.91 15.50 0.79
CA ASP B 263 -9.88 16.29 0.01
C ASP B 263 -10.60 17.22 0.96
N PRO B 264 -9.93 18.31 1.34
CA PRO B 264 -10.52 19.25 2.30
C PRO B 264 -11.83 19.87 1.76
N GLU B 265 -11.96 20.00 0.44
CA GLU B 265 -13.13 20.63 -0.19
C GLU B 265 -14.37 19.80 -0.09
N GLN B 266 -14.22 18.47 -0.06
CA GLN B 266 -15.40 17.61 0.02
CA GLN B 266 -15.33 17.51 0.08
C GLN B 266 -16.18 17.81 1.32
N ALA B 267 -15.50 17.89 2.44
CA ALA B 267 -16.12 18.00 3.74
C ALA B 267 -15.31 19.02 4.51
N PRO B 268 -15.64 20.30 4.29
CA PRO B 268 -14.73 21.36 4.59
C PRO B 268 -14.73 21.80 6.07
N GLY B 269 -13.67 22.50 6.41
CA GLY B 269 -13.59 23.21 7.66
C GLY B 269 -13.17 22.38 8.86
N PRO B 270 -13.11 23.03 10.02
CA PRO B 270 -12.61 22.39 11.18
C PRO B 270 -13.33 21.10 11.59
N GLU B 271 -12.55 20.17 12.08
CA GLU B 271 -13.12 19.01 12.78
C GLU B 271 -12.16 18.62 13.91
N THR B 272 -12.72 18.31 15.09
CA THR B 272 -11.89 18.22 16.32
C THR B 272 -11.44 16.83 16.72
N SER B 273 -12.29 15.83 16.49
CA SER B 273 -11.98 14.52 17.00
C SER B 273 -10.71 13.91 16.34
N GLY B 274 -10.66 13.90 15.02
CA GLY B 274 -9.47 13.49 14.34
C GLY B 274 -8.24 14.28 14.77
N THR B 275 -8.34 15.59 14.64
CA THR B 275 -7.33 16.48 15.07
C THR B 275 -6.77 16.17 16.45
N ALA B 276 -7.68 15.95 17.41
CA ALA B 276 -7.24 15.71 18.82
C ALA B 276 -6.47 14.40 18.92
N LEU B 277 -6.97 13.36 18.22
CA LEU B 277 -6.27 12.07 18.22
C LEU B 277 -4.89 12.14 17.58
N PHE B 278 -4.78 12.88 16.45
CA PHE B 278 -3.50 13.09 15.80
C PHE B 278 -2.53 13.85 16.74
N THR B 279 -3.06 14.88 17.38
CA THR B 279 -2.27 15.73 18.27
C THR B 279 -1.70 14.86 19.41
N TYR B 280 -2.57 14.05 20.02
CA TYR B 280 -2.10 13.09 21.03
C TYR B 280 -0.95 12.26 20.51
N GLY B 281 -1.16 11.61 19.36
CA GLY B 281 -0.11 10.79 18.79
C GLY B 281 1.19 11.48 18.47
N PHE B 282 1.16 12.72 17.95
CA PHE B 282 2.39 13.41 17.62
C PHE B 282 3.15 13.81 18.90
N LEU B 283 2.40 14.32 19.85
CA LEU B 283 2.96 14.72 21.17
C LEU B 283 3.58 13.51 21.83
N TRP B 284 2.85 12.39 21.87
CA TRP B 284 3.36 11.17 22.47
C TRP B 284 4.67 10.73 21.79
N GLY B 285 4.66 10.67 20.46
CA GLY B 285 5.79 10.33 19.65
C GLY B 285 7.03 11.19 19.90
N ILE B 286 6.84 12.50 19.98
CA ILE B 286 7.94 13.41 20.24
C ILE B 286 8.41 13.16 21.66
N ASN B 287 7.48 13.16 22.63
CA ASN B 287 7.83 12.97 24.04
C ASN B 287 8.58 11.65 24.30
N ASN B 288 8.32 10.62 23.49
CA ASN B 288 8.92 9.32 23.71
C ASN B 288 10.01 8.98 22.75
N GLY B 289 10.52 9.98 22.04
CA GLY B 289 11.71 9.77 21.23
C GLY B 289 11.53 9.01 19.93
N LEU B 290 10.29 8.84 19.45
CA LEU B 290 10.09 8.16 18.18
C LEU B 290 9.86 9.07 17.00
N LEU B 291 9.52 10.34 17.24
CA LEU B 291 9.36 11.32 16.20
C LEU B 291 10.28 12.51 16.37
N ASN B 292 10.90 12.97 15.28
CA ASN B 292 11.87 14.06 15.37
C ASN B 292 11.21 15.35 15.84
N ALA B 293 11.72 15.93 16.94
CA ALA B 293 11.09 17.09 17.52
C ALA B 293 11.13 18.29 16.60
N ASP B 294 12.21 18.48 15.84
CA ASP B 294 12.29 19.64 14.96
C ASP B 294 11.29 19.55 13.80
N ILE B 295 11.11 18.36 13.25
CA ILE B 295 10.14 18.14 12.20
C ILE B 295 8.67 18.27 12.69
N TYR B 296 8.33 17.63 13.78
CA TYR B 296 6.93 17.53 14.17
C TYR B 296 6.47 18.56 15.17
N SER B 297 7.39 19.25 15.83
CA SER B 297 6.94 20.25 16.82
C SER B 297 6.09 21.35 16.17
N PRO B 298 6.42 21.80 14.95
CA PRO B 298 5.60 22.83 14.27
C PRO B 298 4.18 22.35 13.93
N ILE B 299 4.06 21.07 13.61
CA ILE B 299 2.78 20.38 13.38
C ILE B 299 1.92 20.42 14.67
N VAL B 300 2.53 20.05 15.79
CA VAL B 300 1.83 20.07 17.07
C VAL B 300 1.46 21.45 17.56
N GLU B 301 2.32 22.45 17.32
CA GLU B 301 1.99 23.80 17.75
C GLU B 301 0.72 24.29 17.05
N LYS B 302 0.62 24.03 15.74
CA LYS B 302 -0.53 24.46 14.97
C LYS B 302 -1.79 23.73 15.40
N ALA B 303 -1.63 22.43 15.62
CA ALA B 303 -2.74 21.57 16.02
C ALA B 303 -3.25 21.94 17.40
N TRP B 304 -2.33 22.05 18.36
CA TRP B 304 -2.70 22.41 19.76
C TRP B 304 -3.31 23.80 19.81
N ASN B 305 -2.78 24.74 19.03
CA ASN B 305 -3.38 26.05 18.95
C ASN B 305 -4.83 26.02 18.48
N TYR B 306 -5.12 25.23 17.43
CA TYR B 306 -6.50 25.00 17.03
C TYR B 306 -7.35 24.45 18.18
N LEU B 307 -6.88 23.42 18.85
CA LEU B 307 -7.68 22.78 19.88
C LEU B 307 -7.99 23.76 21.04
N LYS B 308 -6.96 24.52 21.41
CA LYS B 308 -7.06 25.44 22.56
C LYS B 308 -7.90 26.69 22.26
N THR B 309 -7.80 27.16 21.02
CA THR B 309 -8.38 28.42 20.61
C THR B 309 -9.74 28.29 19.97
N THR B 310 -9.95 27.24 19.18
CA THR B 310 -11.19 27.07 18.42
C THR B 310 -12.08 25.94 18.97
N ALA B 311 -11.52 24.74 19.19
CA ALA B 311 -12.35 23.63 19.65
C ALA B 311 -12.86 23.88 21.07
N LEU B 312 -11.93 24.22 21.95
CA LEU B 312 -12.29 24.52 23.35
C LEU B 312 -13.17 25.76 23.49
N GLN B 313 -14.31 25.60 24.17
CA GLN B 313 -15.17 26.73 24.47
CA GLN B 313 -15.20 26.70 24.50
C GLN B 313 -14.92 27.22 25.91
N ALA B 314 -15.31 28.44 26.18
CA ALA B 314 -15.01 29.06 27.51
C ALA B 314 -15.48 28.23 28.69
N ASP B 315 -16.63 27.53 28.57
CA ASP B 315 -17.13 26.69 29.69
C ASP B 315 -16.55 25.27 29.79
N GLY B 316 -15.67 24.88 28.86
CA GLY B 316 -15.10 23.53 28.89
C GLY B 316 -15.73 22.57 27.88
N LYS B 317 -16.80 22.99 27.22
CA LYS B 317 -17.35 22.22 26.10
C LYS B 317 -16.28 22.14 25.03
N ILE B 318 -16.33 21.08 24.21
CA ILE B 318 -15.40 20.89 23.11
C ILE B 318 -16.25 20.77 21.85
N GLY B 319 -16.10 21.70 20.93
CA GLY B 319 -16.89 21.73 19.72
C GLY B 319 -16.24 21.20 18.47
N TYR B 320 -16.99 21.32 17.38
CA TYR B 320 -16.66 20.84 16.05
C TYR B 320 -16.32 19.34 16.02
N ILE B 321 -17.01 18.56 16.83
CA ILE B 321 -16.79 17.11 16.81
C ILE B 321 -17.78 16.51 15.79
N GLN B 322 -17.25 15.82 14.78
CA GLN B 322 -18.11 15.20 13.79
C GLN B 322 -19.03 14.17 14.48
N PRO B 323 -20.34 14.27 14.24
CA PRO B 323 -21.26 13.27 14.85
C PRO B 323 -21.07 11.85 14.31
N VAL B 324 -21.74 10.94 15.00
CA VAL B 324 -21.71 9.53 14.72
C VAL B 324 -22.79 9.14 13.72
N GLY B 325 -22.36 8.45 12.66
CA GLY B 325 -23.29 7.74 11.76
C GLY B 325 -24.21 8.58 10.90
N GLU B 326 -23.77 9.78 10.51
CA GLU B 326 -24.57 10.67 9.67
C GLU B 326 -23.94 10.73 8.28
N LYS B 327 -24.73 10.67 7.23
CA LYS B 327 -24.13 10.61 5.90
C LYS B 327 -23.58 12.00 5.55
N ALA B 328 -22.49 11.99 4.80
CA ALA B 328 -21.79 13.19 4.35
C ALA B 328 -22.69 14.03 3.54
N ILE B 329 -22.66 15.33 3.84
CA ILE B 329 -23.24 16.32 2.99
C ILE B 329 -22.06 17.15 2.44
N PRO B 330 -21.66 16.89 1.21
CA PRO B 330 -20.54 17.61 0.59
C PRO B 330 -20.71 19.10 0.65
N GLY B 331 -19.64 19.79 1.03
CA GLY B 331 -19.69 21.23 1.12
C GLY B 331 -20.18 21.78 2.47
N GLN B 332 -20.76 20.93 3.33
CA GLN B 332 -21.30 21.41 4.58
C GLN B 332 -20.28 21.30 5.70
N VAL B 333 -20.17 22.36 6.48
CA VAL B 333 -19.25 22.41 7.59
C VAL B 333 -19.82 21.68 8.80
N VAL B 334 -18.94 21.35 9.74
CA VAL B 334 -19.34 20.83 11.05
C VAL B 334 -19.89 21.96 11.93
N ASP B 335 -20.98 21.66 12.62
CA ASP B 335 -21.53 22.59 13.63
C ASP B 335 -20.54 22.83 14.77
N ALA B 336 -20.21 24.10 14.99
CA ALA B 336 -19.34 24.49 16.09
C ALA B 336 -19.78 23.95 17.44
N ASN B 337 -21.07 23.86 17.66
CA ASN B 337 -21.61 23.38 18.94
C ASN B 337 -21.72 21.87 19.04
N SER B 338 -21.21 21.14 18.04
CA SER B 338 -21.26 19.68 18.10
C SER B 338 -20.21 19.12 19.10
N CYS B 339 -20.69 18.52 20.19
CA CYS B 339 -19.83 18.07 21.30
C CYS B 339 -20.27 16.67 21.72
N PHE B 340 -19.34 15.73 21.81
CA PHE B 340 -19.69 14.36 22.28
C PHE B 340 -18.62 13.85 23.23
N ASN B 341 -19.04 12.94 24.12
CA ASN B 341 -18.19 12.22 25.05
C ASN B 341 -16.86 11.76 24.50
N PHE B 342 -16.87 11.07 23.36
CA PHE B 342 -15.68 10.47 22.85
C PHE B 342 -14.72 11.53 22.36
N GLY B 343 -15.24 12.67 21.91
CA GLY B 343 -14.40 13.76 21.44
C GLY B 343 -13.77 14.53 22.58
N ILE B 344 -14.50 14.63 23.66
CA ILE B 344 -13.94 15.12 24.93
C ILE B 344 -12.81 14.19 25.40
N GLY B 345 -13.02 12.87 25.35
CA GLY B 345 -11.95 11.92 25.64
C GLY B 345 -10.69 12.18 24.81
N ALA B 346 -10.87 12.35 23.50
CA ALA B 346 -9.77 12.54 22.60
C ALA B 346 -9.02 13.90 22.90
N PHE B 347 -9.80 14.93 23.17
CA PHE B 347 -9.24 16.24 23.54
C PHE B 347 -8.41 16.10 24.83
N LEU B 348 -8.91 15.32 25.80
CA LEU B 348 -8.20 15.15 27.08
C LEU B 348 -6.87 14.37 26.85
N LEU B 349 -6.84 13.38 25.97
CA LEU B 349 -5.58 12.73 25.61
C LEU B 349 -4.54 13.74 25.11
N ALA B 350 -4.95 14.61 24.19
CA ALA B 350 -4.05 15.59 23.61
C ALA B 350 -3.59 16.56 24.70
N ALA B 351 -4.52 17.05 25.47
CA ALA B 351 -4.20 18.03 26.55
C ALA B 351 -3.21 17.45 27.56
N CYS B 352 -3.46 16.22 28.01
CA CYS B 352 -2.55 15.57 28.96
C CYS B 352 -1.13 15.44 28.39
N GLU B 353 -1.02 15.01 27.14
CA GLU B 353 0.27 14.78 26.56
C GLU B 353 0.96 16.12 26.30
N ARG B 354 0.16 17.17 26.15
CA ARG B 354 0.70 18.51 25.91
C ARG B 354 1.38 18.98 27.22
N VAL B 355 0.80 18.65 28.35
CA VAL B 355 1.45 18.96 29.66
C VAL B 355 2.79 18.27 29.72
N ARG B 356 2.83 16.99 29.36
CA ARG B 356 4.10 16.24 29.36
C ARG B 356 5.14 16.82 28.39
N PHE B 357 4.68 17.39 27.29
CA PHE B 357 5.56 17.99 26.29
C PHE B 357 6.18 19.30 26.84
N LEU B 358 5.47 19.96 27.72
CA LEU B 358 5.97 21.20 28.31
C LEU B 358 6.84 20.88 29.51
#